data_6LSV
#
_entry.id   6LSV
#
_cell.length_a   153.476
_cell.length_b   74.416
_cell.length_c   75.488
_cell.angle_alpha   90.000
_cell.angle_beta   110.040
_cell.angle_gamma   90.000
#
_symmetry.space_group_name_H-M   'C 1 2 1'
#
loop_
_entity.id
_entity.type
_entity.pdbx_description
1 polymer 'Probable 2-oxoglutarate-dependent dioxygenase At5g05600'
2 non-polymer '2-OXOGLUTARIC ACID'
3 non-polymer '{(1R,2R)-3-oxo-2-[(2Z)-pent-2-en-1-yl]cyclopentyl}acetic acid'
4 non-polymer 'FE (III) ION'
5 water water
#
_entity_poly.entity_id   1
_entity_poly.type   'polypeptide(L)'
_entity_poly.pdbx_seq_one_letter_code
;DEWPEPIVRVQSLAESNLSSLPDRYIKPASLRPTTTEDAPTATNIPIIDLEGLFSEEGLSDDVIMARISEACRGWGFFQV
VNHGVKPELMDAARENWREFFHMPVNAKETYSNSPRTYEGYGSRLGVEKGASLDWSDYYFLHLLPHHLKDFNKWPSFPPT
IREVIDEYGEELVKLSGRIMRVLSTNLGLKEDKFQEAFGGENIGACLRVNYYPKCPRPELALGLSPHSDPGGMTILLPDD
QVFGLQVRKDDTWITVKPHPHAFIVNIGDQIQILSNSTYKSVEHRVIVNSDKERVSLAFFYNPKSDIPIQPLQELVSTHN
PPLYPPMTFDQYRLFIRTQGPQGKSHVESHISP
;
_entity_poly.pdbx_strand_id   A,B
#
# COMPACT_ATOMS: atom_id res chain seq x y z
N ASP A 1 -0.62 12.47 13.18
CA ASP A 1 -1.22 13.30 14.22
C ASP A 1 -2.43 14.08 13.71
N GLU A 2 -2.53 14.22 12.38
CA GLU A 2 -3.64 14.99 11.81
C GLU A 2 -4.01 14.41 10.45
N TRP A 3 -5.27 14.63 10.08
CA TRP A 3 -5.79 14.25 8.78
C TRP A 3 -5.37 15.26 7.72
N PRO A 4 -5.18 14.80 6.47
CA PRO A 4 -4.79 15.75 5.41
C PRO A 4 -5.88 16.75 5.07
N GLU A 5 -7.10 16.54 5.52
CA GLU A 5 -8.25 17.37 5.17
C GLU A 5 -9.32 17.16 6.22
N PRO A 6 -10.26 18.09 6.37
CA PRO A 6 -11.31 17.92 7.38
C PRO A 6 -12.21 16.72 7.07
N ILE A 7 -12.73 16.12 8.13
CA ILE A 7 -13.52 14.89 8.00
C ILE A 7 -14.97 15.24 7.72
N VAL A 8 -15.54 14.60 6.71
CA VAL A 8 -16.97 14.68 6.43
C VAL A 8 -17.62 13.42 6.99
N ARG A 9 -18.60 13.60 7.88
CA ARG A 9 -19.32 12.46 8.44
C ARG A 9 -20.36 11.98 7.44
N VAL A 10 -20.23 10.73 6.99
CA VAL A 10 -21.12 10.20 5.96
C VAL A 10 -22.57 10.32 6.38
N GLN A 11 -22.84 10.27 7.69
CA GLN A 11 -24.20 10.47 8.16
C GLN A 11 -24.71 11.87 7.79
N SER A 12 -23.83 12.87 7.80
CA SER A 12 -24.24 14.21 7.42
C SER A 12 -24.68 14.26 5.96
N LEU A 13 -24.00 13.51 5.10
CA LEU A 13 -24.39 13.48 3.69
C LEU A 13 -25.73 12.80 3.50
N ALA A 14 -25.95 11.66 4.16
CA ALA A 14 -27.21 10.96 4.03
C ALA A 14 -28.36 11.75 4.65
N GLU A 15 -28.07 12.61 5.63
CA GLU A 15 -29.13 13.39 6.26
C GLU A 15 -29.49 14.61 5.45
N SER A 16 -28.56 15.14 4.66
CA SER A 16 -28.99 15.92 3.53
C SER A 16 -29.75 15.00 2.57
N ASN A 17 -30.35 15.61 1.56
CA ASN A 17 -30.98 14.85 0.48
C ASN A 17 -30.26 15.21 -0.81
N LEU A 18 -29.00 14.80 -0.90
CA LEU A 18 -28.19 15.09 -2.06
C LEU A 18 -28.78 14.43 -3.30
N SER A 19 -28.85 15.21 -4.38
CA SER A 19 -29.30 14.67 -5.65
C SER A 19 -28.28 13.73 -6.28
N SER A 20 -27.03 13.78 -5.83
CA SER A 20 -25.94 13.06 -6.47
C SER A 20 -25.06 12.43 -5.39
N LEU A 21 -24.03 11.72 -5.84
CA LEU A 21 -23.00 11.20 -4.96
C LEU A 21 -21.73 12.00 -5.18
N PRO A 22 -21.19 12.65 -4.15
CA PRO A 22 -19.91 13.36 -4.31
C PRO A 22 -18.84 12.44 -4.89
N ASP A 23 -17.97 13.01 -5.73
CA ASP A 23 -16.97 12.21 -6.44
C ASP A 23 -16.00 11.52 -5.50
N ARG A 24 -15.78 12.07 -4.29
CA ARG A 24 -14.91 11.40 -3.33
C ARG A 24 -15.42 10.01 -2.97
N TYR A 25 -16.70 9.74 -3.16
CA TYR A 25 -17.31 8.47 -2.79
C TYR A 25 -17.69 7.62 -4.01
N ILE A 26 -17.25 8.02 -5.20
CA ILE A 26 -17.48 7.23 -6.40
C ILE A 26 -16.25 6.37 -6.66
N LYS A 27 -16.46 5.06 -6.71
CA LYS A 27 -15.36 4.15 -6.97
C LYS A 27 -15.14 4.00 -8.47
N PRO A 28 -13.94 3.62 -8.88
CA PRO A 28 -13.70 3.34 -10.31
C PRO A 28 -14.69 2.32 -10.83
N ALA A 29 -15.02 2.42 -12.12
CA ALA A 29 -15.93 1.47 -12.73
C ALA A 29 -15.40 0.03 -12.62
N SER A 30 -14.09 -0.13 -12.48
CA SER A 30 -13.52 -1.47 -12.35
C SER A 30 -13.94 -2.15 -11.06
N LEU A 31 -14.30 -1.39 -10.04
CA LEU A 31 -14.47 -1.93 -8.70
C LEU A 31 -15.83 -1.63 -8.11
N ARG A 32 -16.74 -1.02 -8.88
CA ARG A 32 -18.09 -0.80 -8.42
C ARG A 32 -18.81 -2.14 -8.26
N PRO A 33 -19.76 -2.23 -7.33
CA PRO A 33 -20.59 -3.43 -7.22
C PRO A 33 -21.66 -3.48 -8.31
N ALA A 42 -28.37 -13.03 -1.69
CA ALA A 42 -27.49 -13.37 -0.58
C ALA A 42 -27.41 -14.88 -0.39
N THR A 43 -26.19 -15.42 -0.44
CA THR A 43 -25.99 -16.86 -0.38
C THR A 43 -25.75 -17.32 1.05
N ASN A 44 -26.14 -18.56 1.32
CA ASN A 44 -26.01 -19.14 2.66
C ASN A 44 -24.58 -19.60 2.92
N ILE A 45 -24.13 -19.39 4.15
CA ILE A 45 -22.82 -19.82 4.62
C ILE A 45 -23.05 -21.00 5.56
N PRO A 46 -22.48 -22.18 5.29
CA PRO A 46 -22.71 -23.33 6.17
C PRO A 46 -22.27 -23.04 7.59
N ILE A 47 -23.10 -23.43 8.55
CA ILE A 47 -22.90 -23.07 9.95
C ILE A 47 -22.23 -24.22 10.69
N ILE A 48 -21.48 -23.85 11.72
CA ILE A 48 -20.79 -24.80 12.59
C ILE A 48 -21.44 -24.75 13.95
N ASP A 49 -21.93 -25.89 14.42
CA ASP A 49 -22.49 -26.01 15.77
C ASP A 49 -21.32 -26.17 16.74
N LEU A 50 -21.11 -25.16 17.58
CA LEU A 50 -19.89 -25.08 18.38
C LEU A 50 -19.95 -25.83 19.69
N GLU A 51 -21.14 -26.05 20.26
CA GLU A 51 -21.20 -26.83 21.48
C GLU A 51 -20.77 -28.28 21.31
N GLY A 52 -20.48 -28.71 20.07
CA GLY A 52 -19.73 -29.92 19.82
C GLY A 52 -18.25 -29.72 20.08
N LEU A 53 -17.90 -29.54 21.37
CA LEU A 53 -16.53 -29.39 21.89
C LEU A 53 -15.86 -28.07 21.49
N ASP A 61 -13.81 -34.29 17.25
CA ASP A 61 -13.06 -34.59 16.04
C ASP A 61 -14.01 -35.09 14.95
N ASP A 62 -14.96 -34.24 14.61
CA ASP A 62 -16.11 -34.60 13.80
C ASP A 62 -15.82 -34.37 12.31
N VAL A 63 -16.84 -34.57 11.48
CA VAL A 63 -16.81 -34.08 10.11
C VAL A 63 -16.67 -32.57 10.10
N ILE A 64 -17.10 -31.91 11.18
CA ILE A 64 -17.05 -30.45 11.26
C ILE A 64 -15.62 -29.97 11.36
N MET A 65 -14.76 -30.71 12.05
CA MET A 65 -13.35 -30.33 12.10
C MET A 65 -12.75 -30.30 10.71
N ALA A 66 -13.18 -31.23 9.83
CA ALA A 66 -12.76 -31.17 8.45
C ALA A 66 -13.39 -29.96 7.75
N ARG A 67 -14.64 -29.64 8.08
CA ARG A 67 -15.32 -28.51 7.43
C ARG A 67 -14.71 -27.19 7.86
N ILE A 68 -14.47 -27.03 9.17
CA ILE A 68 -13.84 -25.81 9.68
C ILE A 68 -12.49 -25.60 9.02
N SER A 69 -11.66 -26.65 8.99
CA SER A 69 -10.35 -26.54 8.36
C SER A 69 -10.48 -26.36 6.86
N GLU A 70 -11.49 -26.97 6.24
CA GLU A 70 -11.73 -26.71 4.82
C GLU A 70 -12.10 -25.25 4.58
N ALA A 71 -12.85 -24.65 5.49
CA ALA A 71 -13.25 -23.25 5.33
C ALA A 71 -12.05 -22.33 5.51
N CYS A 72 -11.23 -22.58 6.53
CA CYS A 72 -10.10 -21.70 6.82
C CYS A 72 -9.03 -21.76 5.74
N ARG A 73 -8.96 -22.85 4.97
CA ARG A 73 -7.91 -22.99 3.98
C ARG A 73 -8.32 -22.45 2.60
N GLY A 74 -9.59 -22.62 2.23
CA GLY A 74 -10.02 -22.20 0.91
C GLY A 74 -10.83 -20.92 0.89
N TRP A 75 -11.56 -20.65 1.97
CA TRP A 75 -12.39 -19.46 2.07
C TRP A 75 -11.92 -18.47 3.10
N GLY A 76 -11.29 -18.94 4.18
CA GLY A 76 -10.82 -18.04 5.22
C GLY A 76 -11.88 -17.48 6.12
N PHE A 77 -13.03 -18.13 6.23
CA PHE A 77 -14.09 -17.69 7.13
C PHE A 77 -15.08 -18.83 7.31
N PHE A 78 -15.76 -18.81 8.45
CA PHE A 78 -16.83 -19.76 8.74
C PHE A 78 -17.79 -19.13 9.73
N GLN A 79 -19.00 -19.70 9.81
CA GLN A 79 -20.08 -19.16 10.59
C GLN A 79 -20.41 -20.12 11.73
N VAL A 80 -20.48 -19.61 12.95
CA VAL A 80 -20.66 -20.42 14.14
C VAL A 80 -21.99 -20.09 14.81
N VAL A 81 -22.73 -21.13 15.20
CA VAL A 81 -23.92 -21.01 16.02
C VAL A 81 -23.66 -21.76 17.32
N ASN A 82 -24.52 -21.50 18.32
CA ASN A 82 -24.43 -22.15 19.63
C ASN A 82 -23.03 -21.99 20.23
N HIS A 83 -22.65 -20.73 20.42
CA HIS A 83 -21.27 -20.36 20.70
C HIS A 83 -21.06 -19.85 22.12
N GLY A 84 -22.10 -19.88 22.96
CA GLY A 84 -21.97 -19.46 24.33
C GLY A 84 -22.21 -18.00 24.61
N VAL A 85 -22.51 -17.21 23.58
CA VAL A 85 -22.84 -15.79 23.74
C VAL A 85 -24.35 -15.64 23.69
N LYS A 86 -24.89 -14.85 24.60
CA LYS A 86 -26.34 -14.75 24.72
C LYS A 86 -26.91 -14.02 23.52
N PRO A 87 -27.95 -14.56 22.86
CA PRO A 87 -28.58 -13.82 21.76
C PRO A 87 -29.07 -12.44 22.14
N GLU A 88 -29.61 -12.27 23.35
CA GLU A 88 -30.05 -10.93 23.76
C GLU A 88 -28.86 -9.99 23.91
N LEU A 89 -27.70 -10.51 24.30
CA LEU A 89 -26.51 -9.67 24.36
C LEU A 89 -26.05 -9.26 22.97
N MET A 90 -26.11 -10.20 22.01
CA MET A 90 -25.74 -9.88 20.64
C MET A 90 -26.61 -8.77 20.08
N ASP A 91 -27.91 -8.81 20.34
CA ASP A 91 -28.82 -7.80 19.81
C ASP A 91 -28.71 -6.49 20.59
N ALA A 92 -28.51 -6.57 21.91
CA ALA A 92 -28.32 -5.36 22.70
C ALA A 92 -27.09 -4.60 22.24
N ALA A 93 -26.02 -5.33 21.90
CA ALA A 93 -24.82 -4.68 21.36
C ALA A 93 -25.14 -3.93 20.07
N ARG A 94 -25.91 -4.55 19.19
CA ARG A 94 -26.24 -3.89 17.94
C ARG A 94 -27.13 -2.67 18.15
N GLU A 95 -28.19 -2.83 18.96
CA GLU A 95 -29.16 -1.75 19.11
C GLU A 95 -28.61 -0.60 19.96
N ASN A 96 -27.72 -0.90 20.90
CA ASN A 96 -27.03 0.17 21.61
C ASN A 96 -26.19 1.00 20.64
N TRP A 97 -25.42 0.34 19.78
CA TRP A 97 -24.60 1.07 18.83
C TRP A 97 -25.47 1.76 17.77
N ARG A 98 -26.53 1.09 17.32
CA ARG A 98 -27.46 1.73 16.39
C ARG A 98 -28.02 3.02 16.99
N GLU A 99 -28.35 2.99 18.28
CA GLU A 99 -28.84 4.19 18.95
C GLU A 99 -27.77 5.27 18.99
N PHE A 100 -26.51 4.88 19.21
CA PHE A 100 -25.41 5.84 19.19
C PHE A 100 -25.31 6.52 17.83
N PHE A 101 -25.42 5.75 16.75
CA PHE A 101 -25.28 6.32 15.43
C PHE A 101 -26.53 7.04 14.95
N HIS A 102 -27.69 6.81 15.60
CA HIS A 102 -28.89 7.57 15.29
C HIS A 102 -28.91 8.93 15.98
N MET A 103 -28.03 9.16 16.95
CA MET A 103 -27.80 10.48 17.55
C MET A 103 -27.49 11.50 16.46
N PRO A 104 -27.76 12.78 16.70
CA PRO A 104 -27.27 13.82 15.79
C PRO A 104 -25.76 13.75 15.65
N VAL A 105 -25.28 14.04 14.45
CA VAL A 105 -23.85 13.92 14.15
C VAL A 105 -23.03 14.75 15.13
N ASN A 106 -23.50 15.95 15.46
CA ASN A 106 -22.72 16.83 16.34
C ASN A 106 -22.67 16.35 17.78
N ALA A 107 -23.42 15.30 18.13
CA ALA A 107 -23.36 14.75 19.48
C ALA A 107 -22.18 13.78 19.66
N LYS A 108 -21.64 13.23 18.58
CA LYS A 108 -20.46 12.38 18.64
C LYS A 108 -19.19 13.10 18.21
N GLU A 109 -19.30 14.33 17.70
CA GLU A 109 -18.13 15.03 17.17
C GLU A 109 -17.02 15.16 18.21
N THR A 110 -17.40 15.36 19.48
CA THR A 110 -16.40 15.44 20.53
C THR A 110 -15.61 14.16 20.70
N TYR A 111 -16.05 13.06 20.09
CA TYR A 111 -15.33 11.78 20.12
C TYR A 111 -14.46 11.57 18.89
N SER A 112 -14.30 12.61 18.06
CA SER A 112 -13.54 12.53 16.81
C SER A 112 -12.21 11.83 17.01
N ASN A 113 -11.92 10.85 16.14
CA ASN A 113 -10.66 10.14 16.22
C ASN A 113 -9.59 10.86 15.41
N SER A 114 -8.34 10.42 15.58
CA SER A 114 -7.19 11.00 14.94
C SER A 114 -6.28 9.87 14.48
N PRO A 115 -5.40 10.12 13.50
CA PRO A 115 -4.68 8.99 12.87
C PRO A 115 -3.63 8.31 13.74
N ARG A 116 -3.28 8.83 14.92
CA ARG A 116 -2.19 8.20 15.67
C ARG A 116 -2.67 7.09 16.60
N THR A 117 -3.93 7.12 17.06
CA THR A 117 -4.52 5.97 17.74
C THR A 117 -5.81 5.49 17.12
N TYR A 118 -6.48 6.31 16.29
CA TYR A 118 -7.71 5.96 15.60
C TYR A 118 -8.87 5.73 16.58
N GLU A 119 -8.59 5.82 17.89
CA GLU A 119 -9.64 5.60 18.87
C GLU A 119 -10.70 6.68 18.78
N GLY A 120 -11.96 6.27 18.74
CA GLY A 120 -13.07 7.18 18.82
C GLY A 120 -13.95 7.13 17.58
N TYR A 121 -14.55 8.28 17.25
CA TYR A 121 -15.53 8.41 16.19
C TYR A 121 -14.80 8.77 14.90
N GLY A 122 -14.87 7.88 13.90
CA GLY A 122 -14.12 8.04 12.68
C GLY A 122 -14.99 7.93 11.44
N SER A 123 -14.47 8.46 10.33
CA SER A 123 -15.14 8.36 9.04
C SER A 123 -14.22 7.94 7.90
N ARG A 124 -12.92 7.81 8.12
CA ARG A 124 -12.02 7.35 7.07
C ARG A 124 -10.89 6.55 7.70
N LEU A 125 -10.19 5.81 6.85
CA LEU A 125 -9.05 4.99 7.26
C LEU A 125 -7.93 5.24 6.26
N GLY A 126 -6.80 5.74 6.75
CA GLY A 126 -5.72 6.19 5.89
C GLY A 126 -5.64 7.71 5.84
N VAL A 127 -4.52 8.18 5.31
CA VAL A 127 -4.19 9.60 5.42
C VAL A 127 -3.79 10.20 4.07
N GLU A 128 -4.17 9.54 2.97
CA GLU A 128 -3.93 10.09 1.65
C GLU A 128 -4.94 11.20 1.36
N LYS A 129 -4.46 12.36 0.88
CA LYS A 129 -5.34 13.53 0.80
C LYS A 129 -6.37 13.43 -0.31
N GLY A 130 -6.03 12.83 -1.44
CA GLY A 130 -7.05 12.76 -2.46
C GLY A 130 -7.85 11.49 -2.49
N ALA A 131 -7.60 10.58 -1.54
CA ALA A 131 -8.07 9.20 -1.65
C ALA A 131 -9.58 9.11 -1.73
N SER A 132 -10.06 8.15 -2.50
CA SER A 132 -11.49 7.83 -2.50
C SER A 132 -11.92 7.41 -1.10
N LEU A 133 -13.16 7.71 -0.76
CA LEU A 133 -13.69 7.44 0.56
C LEU A 133 -14.81 6.41 0.50
N ASP A 134 -15.07 5.80 1.65
CA ASP A 134 -16.10 4.79 1.77
C ASP A 134 -17.35 5.39 2.42
N TRP A 135 -18.50 4.80 2.10
CA TRP A 135 -19.78 5.31 2.58
C TRP A 135 -20.11 4.69 3.94
N SER A 136 -19.31 5.10 4.93
CA SER A 136 -19.54 4.60 6.28
C SER A 136 -18.87 5.50 7.29
N ASP A 137 -19.47 5.57 8.47
CA ASP A 137 -18.84 6.07 9.69
C ASP A 137 -18.56 4.88 10.59
N TYR A 138 -17.69 5.07 11.56
CA TYR A 138 -17.32 3.96 12.43
C TYR A 138 -16.87 4.48 13.78
N TYR A 139 -16.81 3.57 14.75
CA TYR A 139 -16.20 3.83 16.05
C TYR A 139 -15.16 2.76 16.34
N PHE A 140 -14.08 3.17 16.99
CA PHE A 140 -12.98 2.25 17.29
C PHE A 140 -12.53 2.44 18.73
N LEU A 141 -12.32 1.33 19.44
CA LEU A 141 -11.87 1.36 20.82
C LEU A 141 -11.14 0.07 21.13
N HIS A 142 -10.31 0.12 22.17
CA HIS A 142 -9.56 -1.04 22.63
C HIS A 142 -10.24 -1.70 23.82
N LEU A 143 -10.10 -3.02 23.90
CA LEU A 143 -10.57 -3.81 25.05
C LEU A 143 -9.42 -4.45 25.82
N LEU A 144 -8.44 -5.01 25.13
CA LEU A 144 -7.23 -5.54 25.74
C LEU A 144 -6.05 -5.12 24.87
N PRO A 145 -4.86 -4.93 25.47
CA PRO A 145 -4.52 -5.08 26.90
C PRO A 145 -5.11 -3.97 27.77
N HIS A 146 -5.03 -4.14 29.09
CA HIS A 146 -5.79 -3.29 30.00
C HIS A 146 -5.25 -1.86 30.05
N HIS A 147 -3.95 -1.67 29.83
CA HIS A 147 -3.41 -0.31 29.83
C HIS A 147 -3.89 0.51 28.63
N LEU A 148 -4.53 -0.13 27.64
CA LEU A 148 -5.14 0.59 26.53
C LEU A 148 -6.64 0.79 26.71
N LYS A 149 -7.25 0.05 27.63
CA LYS A 149 -8.69 0.13 27.83
C LYS A 149 -9.03 1.36 28.67
N ASP A 150 -10.00 2.13 28.19
CA ASP A 150 -10.33 3.42 28.80
C ASP A 150 -11.79 3.72 28.51
N PHE A 151 -12.64 3.65 29.55
CA PHE A 151 -14.06 3.91 29.37
C PHE A 151 -14.33 5.34 28.91
N ASN A 152 -13.43 6.27 29.23
CA ASN A 152 -13.66 7.66 28.85
C ASN A 152 -13.56 7.87 27.35
N LYS A 153 -12.81 7.02 26.64
CA LYS A 153 -12.76 7.05 25.19
C LYS A 153 -13.88 6.24 24.54
N TRP A 154 -14.82 5.76 25.34
CA TRP A 154 -16.00 5.05 24.86
C TRP A 154 -17.17 6.01 24.75
N PRO A 155 -18.23 5.66 24.00
CA PRO A 155 -19.39 6.54 23.92
C PRO A 155 -20.10 6.70 25.25
N SER A 156 -21.16 7.49 25.25
CA SER A 156 -21.81 7.79 26.51
C SER A 156 -23.32 7.85 26.43
N PHE A 157 -23.88 8.30 25.29
CA PHE A 157 -25.30 8.65 25.24
C PHE A 157 -26.23 7.48 25.59
N PRO A 158 -26.20 6.35 24.87
CA PRO A 158 -27.03 5.23 25.33
C PRO A 158 -26.53 4.76 26.67
N PRO A 159 -27.27 5.06 27.75
CA PRO A 159 -26.66 4.95 29.09
C PRO A 159 -26.17 3.55 29.41
N THR A 160 -26.62 2.54 28.68
CA THR A 160 -26.19 1.17 28.90
C THR A 160 -25.01 0.76 28.03
N ILE A 161 -24.59 1.60 27.07
CA ILE A 161 -23.70 1.13 26.01
C ILE A 161 -22.37 0.65 26.58
N ARG A 162 -21.85 1.33 27.60
CA ARG A 162 -20.54 0.96 28.13
C ARG A 162 -20.59 -0.37 28.87
N GLU A 163 -21.72 -0.66 29.52
CA GLU A 163 -21.86 -1.96 30.18
C GLU A 163 -22.07 -3.08 29.16
N VAL A 164 -22.75 -2.77 28.05
CA VAL A 164 -22.94 -3.77 27.00
C VAL A 164 -21.64 -4.01 26.24
N ILE A 165 -20.84 -2.97 26.03
CA ILE A 165 -19.55 -3.13 25.36
C ILE A 165 -18.63 -4.01 26.21
N ASP A 166 -18.54 -3.72 27.50
CA ASP A 166 -17.62 -4.45 28.37
C ASP A 166 -17.97 -5.92 28.45
N GLU A 167 -19.26 -6.24 28.56
CA GLU A 167 -19.65 -7.65 28.64
C GLU A 167 -19.52 -8.33 27.28
N TYR A 168 -19.95 -7.65 26.21
CA TYR A 168 -19.77 -8.20 24.87
C TYR A 168 -18.30 -8.49 24.59
N GLY A 169 -17.42 -7.53 24.93
CA GLY A 169 -16.00 -7.76 24.77
C GLY A 169 -15.49 -8.93 25.60
N GLU A 170 -15.99 -9.05 26.84
CA GLU A 170 -15.60 -10.17 27.68
C GLU A 170 -16.01 -11.50 27.06
N GLU A 171 -17.23 -11.57 26.52
CA GLU A 171 -17.73 -12.82 25.98
C GLU A 171 -16.98 -13.22 24.71
N LEU A 172 -16.64 -12.25 23.88
CA LEU A 172 -15.98 -12.57 22.62
C LEU A 172 -14.49 -12.87 22.82
N VAL A 173 -13.89 -12.34 23.89
CA VAL A 173 -12.54 -12.77 24.25
C VAL A 173 -12.54 -14.24 24.64
N LYS A 174 -13.54 -14.66 25.41
CA LYS A 174 -13.67 -16.08 25.77
C LYS A 174 -13.91 -16.94 24.55
N LEU A 175 -14.81 -16.51 23.67
CA LEU A 175 -15.11 -17.28 22.46
C LEU A 175 -13.88 -17.40 21.57
N SER A 176 -13.08 -16.33 21.48
CA SER A 176 -11.89 -16.39 20.64
C SER A 176 -10.91 -17.44 21.14
N GLY A 177 -10.71 -17.51 22.46
CA GLY A 177 -9.79 -18.49 23.01
C GLY A 177 -10.17 -19.91 22.64
N ARG A 178 -11.46 -20.22 22.67
CA ARG A 178 -11.93 -21.54 22.25
C ARG A 178 -11.74 -21.74 20.76
N ILE A 179 -12.00 -20.71 19.95
CA ILE A 179 -11.81 -20.82 18.50
C ILE A 179 -10.34 -21.00 18.16
N MET A 180 -9.46 -20.34 18.93
CA MET A 180 -8.03 -20.51 18.72
C MET A 180 -7.60 -21.96 18.88
N ARG A 181 -8.26 -22.69 19.80
CA ARG A 181 -7.90 -24.07 20.04
C ARG A 181 -8.30 -24.96 18.86
N VAL A 182 -9.42 -24.66 18.22
CA VAL A 182 -9.82 -25.42 17.03
C VAL A 182 -8.90 -25.10 15.85
N LEU A 183 -8.55 -23.81 15.68
CA LEU A 183 -7.65 -23.42 14.60
C LEU A 183 -6.29 -24.10 14.74
N SER A 184 -5.76 -24.14 15.97
CA SER A 184 -4.48 -24.80 16.21
C SER A 184 -4.55 -26.29 15.91
N THR A 185 -5.54 -26.97 16.50
CA THR A 185 -5.66 -28.41 16.36
C THR A 185 -5.80 -28.80 14.89
N ASN A 186 -6.58 -28.04 14.12
CA ASN A 186 -6.79 -28.37 12.72
C ASN A 186 -5.49 -28.32 11.92
N LEU A 187 -4.45 -27.65 12.43
CA LEU A 187 -3.14 -27.67 11.81
C LEU A 187 -2.25 -28.76 12.38
N GLY A 188 -2.80 -29.68 13.17
CA GLY A 188 -2.00 -30.72 13.78
C GLY A 188 -1.06 -30.24 14.85
N LEU A 189 -1.35 -29.10 15.47
CA LEU A 189 -0.52 -28.53 16.52
C LEU A 189 -1.14 -28.78 17.89
N LYS A 190 -0.33 -28.59 18.93
CA LYS A 190 -0.85 -28.52 20.28
C LYS A 190 -2.01 -27.54 20.33
N GLU A 191 -3.10 -27.96 20.99
CA GLU A 191 -4.34 -27.19 20.89
C GLU A 191 -4.19 -25.75 21.37
N ASP A 192 -3.12 -25.44 22.10
CA ASP A 192 -2.88 -24.09 22.59
C ASP A 192 -1.70 -23.42 21.89
N LYS A 193 -1.32 -23.91 20.70
CA LYS A 193 -0.16 -23.36 20.00
C LYS A 193 -0.42 -21.92 19.53
N PHE A 194 -1.61 -21.65 19.00
CA PHE A 194 -1.93 -20.29 18.58
C PHE A 194 -1.97 -19.34 19.77
N GLN A 195 -2.67 -19.72 20.82
CA GLN A 195 -2.71 -18.90 22.03
C GLN A 195 -1.31 -18.61 22.53
N GLU A 196 -0.39 -19.58 22.38
CA GLU A 196 1.01 -19.35 22.72
C GLU A 196 1.63 -18.28 21.84
N ALA A 197 1.48 -18.43 20.51
CA ALA A 197 2.12 -17.52 19.57
C ALA A 197 1.60 -16.10 19.71
N PHE A 198 0.35 -15.94 20.13
CA PHE A 198 -0.25 -14.62 20.30
C PHE A 198 0.23 -13.90 21.56
N GLY A 199 0.93 -14.59 22.44
CA GLY A 199 1.35 -14.04 23.72
C GLY A 199 0.58 -14.54 24.94
N GLY A 200 0.03 -15.75 24.88
CA GLY A 200 -0.72 -16.28 26.01
C GLY A 200 -1.99 -15.51 26.32
N GLU A 201 -2.10 -15.03 27.55
CA GLU A 201 -3.28 -14.30 27.98
C GLU A 201 -3.19 -12.79 27.71
N ASN A 202 -1.98 -12.24 27.55
CA ASN A 202 -1.83 -10.82 27.24
C ASN A 202 -1.84 -10.59 25.73
N ILE A 203 -2.97 -10.92 25.12
CA ILE A 203 -3.22 -10.67 23.71
C ILE A 203 -3.80 -9.27 23.57
N GLY A 204 -4.19 -8.92 22.35
CA GLY A 204 -4.86 -7.66 22.08
C GLY A 204 -6.29 -7.92 21.63
N ALA A 205 -7.20 -7.04 22.04
CA ALA A 205 -8.59 -7.14 21.64
C ALA A 205 -9.12 -5.73 21.44
N CYS A 206 -9.62 -5.43 20.25
CA CYS A 206 -10.23 -4.15 19.97
C CYS A 206 -11.55 -4.37 19.25
N LEU A 207 -12.31 -3.28 19.15
CA LEU A 207 -13.66 -3.32 18.62
C LEU A 207 -13.83 -2.15 17.66
N ARG A 208 -14.35 -2.44 16.47
CA ARG A 208 -14.73 -1.42 15.51
C ARG A 208 -16.17 -1.67 15.08
N VAL A 209 -17.03 -0.68 15.29
CA VAL A 209 -18.43 -0.76 14.91
C VAL A 209 -18.63 0.12 13.69
N ASN A 210 -19.29 -0.41 12.66
CA ASN A 210 -19.41 0.24 11.37
C ASN A 210 -20.86 0.65 11.12
N TYR A 211 -21.06 1.89 10.69
CA TYR A 211 -22.38 2.43 10.39
C TYR A 211 -22.43 2.76 8.91
N TYR A 212 -23.36 2.13 8.19
CA TYR A 212 -23.53 2.33 6.75
C TYR A 212 -24.87 2.99 6.50
N PRO A 213 -24.93 4.34 6.45
CA PRO A 213 -26.20 5.04 6.21
C PRO A 213 -26.73 4.80 4.81
N LYS A 214 -27.90 5.34 4.48
CA LYS A 214 -28.42 5.13 3.14
C LYS A 214 -27.60 5.97 2.14
N CYS A 215 -27.48 5.45 0.92
CA CYS A 215 -26.61 6.05 -0.08
C CYS A 215 -27.43 6.40 -1.31
N PRO A 216 -27.34 7.62 -1.83
CA PRO A 216 -28.21 8.01 -2.95
C PRO A 216 -27.93 7.24 -4.24
N ARG A 217 -26.69 6.80 -4.46
CA ARG A 217 -26.34 6.02 -5.64
C ARG A 217 -25.41 4.88 -5.23
N PRO A 218 -25.95 3.84 -4.58
CA PRO A 218 -25.09 2.80 -4.01
C PRO A 218 -24.40 1.94 -5.04
N GLU A 219 -24.85 1.92 -6.29
CA GLU A 219 -24.15 1.17 -7.33
C GLU A 219 -22.83 1.82 -7.72
N LEU A 220 -22.54 3.03 -7.23
CA LEU A 220 -21.24 3.67 -7.44
C LEU A 220 -20.37 3.65 -6.19
N ALA A 221 -20.93 3.30 -5.04
CA ALA A 221 -20.26 3.48 -3.77
C ALA A 221 -20.00 2.13 -3.12
N LEU A 222 -19.16 2.15 -2.09
CA LEU A 222 -18.90 1.00 -1.25
C LEU A 222 -18.93 1.45 0.19
N GLY A 223 -19.66 0.71 1.03
CA GLY A 223 -19.62 0.99 2.46
C GLY A 223 -18.23 0.80 3.04
N LEU A 224 -17.49 -0.17 2.52
CA LEU A 224 -16.12 -0.43 2.94
C LEU A 224 -15.39 -1.13 1.80
N SER A 225 -14.28 -0.55 1.35
CA SER A 225 -13.55 -1.08 0.20
C SER A 225 -12.87 -2.40 0.53
N PRO A 226 -12.46 -3.17 -0.48
CA PRO A 226 -11.86 -4.49 -0.22
C PRO A 226 -10.67 -4.43 0.72
N HIS A 227 -10.55 -5.46 1.54
CA HIS A 227 -9.44 -5.60 2.48
C HIS A 227 -9.56 -6.95 3.18
N SER A 228 -8.42 -7.42 3.69
CA SER A 228 -8.40 -8.44 4.73
C SER A 228 -8.04 -7.77 6.04
N ASP A 229 -8.51 -8.34 7.14
CA ASP A 229 -8.25 -7.76 8.45
C ASP A 229 -6.78 -7.96 8.82
N PRO A 230 -6.09 -6.92 9.28
CA PRO A 230 -4.65 -7.06 9.54
C PRO A 230 -4.32 -7.97 10.72
N GLY A 231 -5.22 -8.09 11.69
CA GLY A 231 -4.91 -8.78 12.92
C GLY A 231 -5.03 -10.28 12.83
N GLY A 232 -5.24 -10.91 13.98
CA GLY A 232 -5.29 -12.36 14.09
C GLY A 232 -6.56 -12.97 13.54
N MET A 233 -7.67 -12.79 14.25
CA MET A 233 -8.97 -13.21 13.74
C MET A 233 -10.00 -12.15 14.08
N THR A 234 -11.05 -12.07 13.27
CA THR A 234 -12.17 -11.16 13.49
C THR A 234 -13.42 -11.97 13.78
N ILE A 235 -14.12 -11.58 14.85
CA ILE A 235 -15.45 -12.10 15.12
C ILE A 235 -16.43 -11.01 14.71
N LEU A 236 -17.18 -11.26 13.64
CA LEU A 236 -18.03 -10.26 13.00
C LEU A 236 -19.49 -10.54 13.30
N LEU A 237 -20.19 -9.53 13.82
CA LEU A 237 -21.63 -9.60 14.01
C LEU A 237 -22.27 -8.72 12.94
N PRO A 238 -22.61 -9.27 11.78
CA PRO A 238 -23.19 -8.44 10.71
C PRO A 238 -24.63 -8.07 11.02
N ASP A 239 -25.09 -7.04 10.34
CA ASP A 239 -26.44 -6.52 10.55
C ASP A 239 -27.46 -7.63 10.34
N ASP A 240 -28.28 -7.88 11.37
CA ASP A 240 -29.21 -9.00 11.37
C ASP A 240 -30.37 -8.83 10.41
N GLN A 241 -30.49 -7.71 9.71
CA GLN A 241 -31.66 -7.47 8.88
C GLN A 241 -31.31 -7.13 7.44
N VAL A 242 -30.15 -6.51 7.21
CA VAL A 242 -29.83 -5.91 5.92
C VAL A 242 -28.56 -6.54 5.37
N PHE A 243 -28.63 -7.00 4.13
CA PHE A 243 -27.46 -7.58 3.49
C PHE A 243 -26.51 -6.47 3.05
N GLY A 244 -25.22 -6.81 2.98
CA GLY A 244 -24.23 -5.85 2.55
C GLY A 244 -22.81 -6.40 2.58
N LEU A 245 -22.55 -7.35 3.48
CA LEU A 245 -21.23 -7.94 3.57
C LEU A 245 -20.98 -8.86 2.38
N GLN A 246 -19.82 -8.71 1.75
CA GLN A 246 -19.46 -9.52 0.60
C GLN A 246 -18.04 -10.05 0.78
N VAL A 247 -17.84 -11.33 0.51
CA VAL A 247 -16.52 -11.95 0.55
C VAL A 247 -16.14 -12.34 -0.88
N ARG A 248 -14.84 -12.33 -1.15
CA ARG A 248 -14.35 -12.62 -2.49
C ARG A 248 -13.72 -14.00 -2.55
N LYS A 249 -14.17 -14.80 -3.52
CA LYS A 249 -13.61 -16.12 -3.79
C LYS A 249 -13.22 -16.16 -5.26
N ASP A 250 -11.93 -16.06 -5.56
CA ASP A 250 -11.39 -16.15 -6.91
C ASP A 250 -12.12 -15.21 -7.87
N ASP A 251 -12.03 -13.92 -7.57
CA ASP A 251 -12.55 -12.83 -8.41
C ASP A 251 -14.08 -12.79 -8.46
N THR A 252 -14.78 -13.41 -7.51
CA THR A 252 -16.23 -13.34 -7.44
C THR A 252 -16.63 -12.75 -6.10
N TRP A 253 -17.45 -11.71 -6.14
CA TRP A 253 -17.94 -11.06 -4.93
C TRP A 253 -19.29 -11.67 -4.55
N ILE A 254 -19.35 -12.29 -3.37
CA ILE A 254 -20.51 -13.07 -2.94
C ILE A 254 -21.11 -12.41 -1.72
N THR A 255 -22.41 -12.10 -1.78
CA THR A 255 -23.10 -11.47 -0.67
C THR A 255 -23.51 -12.51 0.36
N VAL A 256 -23.22 -12.23 1.62
CA VAL A 256 -23.40 -13.17 2.71
C VAL A 256 -24.75 -12.92 3.39
N LYS A 257 -25.59 -13.95 3.42
CA LYS A 257 -26.83 -13.86 4.19
C LYS A 257 -26.57 -14.20 5.65
N PRO A 258 -26.76 -13.27 6.57
CA PRO A 258 -26.44 -13.56 7.98
C PRO A 258 -27.44 -14.54 8.58
N HIS A 259 -26.91 -15.45 9.39
CA HIS A 259 -27.72 -16.41 10.12
C HIS A 259 -28.01 -15.85 11.51
N PRO A 260 -29.26 -15.96 11.97
CA PRO A 260 -29.67 -15.35 13.24
C PRO A 260 -28.77 -15.76 14.40
N HIS A 261 -28.24 -14.75 15.10
CA HIS A 261 -27.46 -14.92 16.33
C HIS A 261 -26.26 -15.83 16.14
N ALA A 262 -25.79 -15.93 14.90
CA ALA A 262 -24.49 -16.52 14.60
C ALA A 262 -23.46 -15.41 14.44
N PHE A 263 -22.19 -15.78 14.61
CA PHE A 263 -21.07 -14.92 14.26
C PHE A 263 -20.43 -15.44 12.99
N ILE A 264 -19.68 -14.56 12.33
CA ILE A 264 -18.78 -14.94 11.26
C ILE A 264 -17.36 -14.79 11.78
N VAL A 265 -16.58 -15.85 11.69
CA VAL A 265 -15.19 -15.86 12.14
C VAL A 265 -14.31 -15.63 10.92
N ASN A 266 -13.56 -14.54 10.92
CA ASN A 266 -12.67 -14.19 9.83
C ASN A 266 -11.24 -14.52 10.21
N ILE A 267 -10.56 -15.29 9.36
CA ILE A 267 -9.11 -15.42 9.48
C ILE A 267 -8.48 -14.08 9.14
N GLY A 268 -7.61 -13.58 10.01
CA GLY A 268 -6.92 -12.34 9.74
C GLY A 268 -5.55 -12.54 9.13
N ASP A 269 -4.92 -11.42 8.77
CA ASP A 269 -3.62 -11.47 8.13
C ASP A 269 -2.58 -12.14 9.01
N GLN A 270 -2.67 -11.92 10.33
CA GLN A 270 -1.66 -12.48 11.24
C GLN A 270 -1.72 -13.99 11.29
N ILE A 271 -2.92 -14.59 11.18
CA ILE A 271 -3.01 -16.04 11.21
C ILE A 271 -2.57 -16.64 9.89
N GLN A 272 -2.85 -15.96 8.76
CA GLN A 272 -2.32 -16.42 7.49
C GLN A 272 -0.80 -16.54 7.54
N ILE A 273 -0.15 -15.56 8.19
CA ILE A 273 1.31 -15.60 8.32
C ILE A 273 1.75 -16.72 9.25
N LEU A 274 1.07 -16.88 10.39
CA LEU A 274 1.44 -17.92 11.34
C LEU A 274 1.26 -19.32 10.73
N SER A 275 0.17 -19.54 10.01
CA SER A 275 -0.07 -20.82 9.37
C SER A 275 0.77 -21.03 8.12
N ASN A 276 1.77 -20.17 7.88
CA ASN A 276 2.59 -20.19 6.66
C ASN A 276 1.71 -20.31 5.43
N SER A 277 0.61 -19.55 5.42
CA SER A 277 -0.38 -19.48 4.35
C SER A 277 -1.24 -20.73 4.21
N THR A 278 -1.21 -21.65 5.18
CA THR A 278 -2.15 -22.77 5.15
C THR A 278 -3.57 -22.27 5.36
N TYR A 279 -3.75 -21.37 6.34
CA TYR A 279 -4.98 -20.62 6.47
C TYR A 279 -4.86 -19.34 5.66
N LYS A 280 -5.94 -18.97 4.97
CA LYS A 280 -5.98 -17.74 4.20
C LYS A 280 -6.88 -16.73 4.88
N SER A 281 -6.46 -15.47 4.86
CA SER A 281 -7.32 -14.41 5.38
C SER A 281 -8.35 -14.03 4.33
N VAL A 282 -9.62 -13.98 4.73
CA VAL A 282 -10.70 -13.65 3.81
C VAL A 282 -10.60 -12.18 3.41
N GLU A 283 -10.89 -11.90 2.15
CA GLU A 283 -11.02 -10.55 1.64
C GLU A 283 -12.50 -10.19 1.55
N HIS A 284 -12.89 -9.09 2.18
CA HIS A 284 -14.30 -8.71 2.20
C HIS A 284 -14.46 -7.23 1.92
N ARG A 285 -15.71 -6.86 1.63
CA ARG A 285 -16.10 -5.49 1.36
C ARG A 285 -17.58 -5.38 1.71
N VAL A 286 -18.05 -4.14 1.89
CA VAL A 286 -19.44 -3.88 2.23
C VAL A 286 -20.05 -3.04 1.11
N ILE A 287 -21.22 -3.45 0.65
CA ILE A 287 -22.02 -2.66 -0.27
C ILE A 287 -23.12 -1.99 0.53
N VAL A 288 -23.62 -0.88 0.01
CA VAL A 288 -24.66 -0.11 0.68
C VAL A 288 -25.88 -0.07 -0.22
N ASN A 289 -26.99 0.52 0.26
CA ASN A 289 -28.14 0.73 -0.60
C ASN A 289 -28.86 2.01 -0.20
N SER A 290 -29.84 2.39 -1.01
CA SER A 290 -30.49 3.69 -0.91
C SER A 290 -31.61 3.72 0.12
N ASP A 291 -32.08 2.57 0.58
CA ASP A 291 -33.35 2.50 1.30
C ASP A 291 -33.22 2.13 2.77
N LYS A 292 -32.13 1.49 3.18
CA LYS A 292 -31.96 1.17 4.59
C LYS A 292 -30.47 1.22 4.94
N GLU A 293 -30.21 1.30 6.22
CA GLU A 293 -28.87 1.40 6.78
C GLU A 293 -28.40 0.02 7.22
N ARG A 294 -27.20 -0.03 7.79
CA ARG A 294 -26.64 -1.25 8.35
C ARG A 294 -25.81 -0.89 9.56
N VAL A 295 -25.71 -1.82 10.49
CA VAL A 295 -24.82 -1.70 11.65
C VAL A 295 -24.16 -3.05 11.87
N SER A 296 -22.83 -3.07 11.83
CA SER A 296 -22.08 -4.30 12.03
C SER A 296 -20.98 -4.08 13.06
N LEU A 297 -20.67 -5.14 13.80
CA LEU A 297 -19.72 -5.08 14.90
C LEU A 297 -18.54 -6.01 14.57
N ALA A 298 -17.34 -5.44 14.52
CA ALA A 298 -16.13 -6.17 14.19
C ALA A 298 -15.25 -6.24 15.43
N PHE A 299 -15.14 -7.43 16.01
CA PHE A 299 -14.27 -7.69 17.13
C PHE A 299 -12.97 -8.28 16.61
N PHE A 300 -11.84 -7.66 16.99
CA PHE A 300 -10.53 -8.07 16.52
C PHE A 300 -9.78 -8.74 17.65
N TYR A 301 -9.35 -9.99 17.43
CA TYR A 301 -8.55 -10.75 18.37
C TYR A 301 -7.12 -10.81 17.82
N ASN A 302 -6.20 -10.12 18.49
CA ASN A 302 -4.90 -9.89 17.88
C ASN A 302 -3.77 -10.42 18.74
N PRO A 303 -2.64 -10.77 18.13
CA PRO A 303 -1.46 -11.12 18.92
C PRO A 303 -0.91 -9.88 19.62
N LYS A 304 -0.27 -10.11 20.76
CA LYS A 304 0.47 -9.05 21.45
C LYS A 304 1.33 -8.28 20.46
N SER A 305 1.17 -6.95 20.45
CA SER A 305 1.57 -6.14 19.30
C SER A 305 3.08 -6.01 19.12
N ASP A 306 3.90 -6.32 20.14
CA ASP A 306 5.33 -6.23 19.97
C ASP A 306 5.98 -7.59 19.73
N ILE A 307 5.19 -8.65 19.64
CA ILE A 307 5.72 -9.98 19.31
C ILE A 307 6.01 -10.03 17.81
N PRO A 308 7.24 -10.36 17.40
CA PRO A 308 7.50 -10.55 15.97
C PRO A 308 6.75 -11.77 15.45
N ILE A 309 5.84 -11.54 14.53
CA ILE A 309 5.00 -12.58 13.97
C ILE A 309 5.70 -13.16 12.74
N GLN A 310 5.80 -14.48 12.68
CA GLN A 310 6.37 -15.16 11.54
C GLN A 310 5.72 -16.52 11.42
N PRO A 311 5.87 -17.20 10.29
CA PRO A 311 5.33 -18.56 10.16
C PRO A 311 5.83 -19.47 11.28
N LEU A 312 4.90 -20.22 11.87
CA LEU A 312 5.26 -21.13 12.94
C LEU A 312 6.31 -22.12 12.47
N GLN A 313 7.30 -22.39 13.33
CA GLN A 313 8.39 -23.27 12.94
C GLN A 313 7.91 -24.70 12.75
N GLU A 314 6.83 -25.09 13.44
CA GLU A 314 6.30 -26.44 13.30
C GLU A 314 5.85 -26.74 11.88
N LEU A 315 5.43 -25.73 11.13
CA LEU A 315 4.86 -25.92 9.80
C LEU A 315 5.87 -25.69 8.69
N VAL A 316 7.15 -25.52 9.02
CA VAL A 316 8.18 -25.26 8.03
C VAL A 316 8.91 -26.55 7.71
N SER A 317 8.92 -26.92 6.44
CA SER A 317 9.81 -27.92 5.89
C SER A 317 10.71 -27.24 4.86
N THR A 318 11.64 -28.00 4.29
CA THR A 318 12.49 -27.40 3.26
C THR A 318 11.78 -27.33 1.91
N HIS A 319 10.66 -28.04 1.77
CA HIS A 319 9.79 -27.86 0.62
C HIS A 319 8.55 -27.02 0.94
N ASN A 320 8.34 -26.67 2.22
CA ASN A 320 7.44 -25.61 2.64
C ASN A 320 8.22 -24.62 3.48
N PRO A 321 9.09 -23.81 2.86
CA PRO A 321 9.87 -22.83 3.62
C PRO A 321 8.98 -21.73 4.13
N PRO A 322 9.44 -20.95 5.12
CA PRO A 322 8.62 -19.85 5.64
C PRO A 322 8.43 -18.77 4.59
N LEU A 323 7.18 -18.39 4.36
CA LEU A 323 6.83 -17.50 3.28
C LEU A 323 6.84 -16.02 3.65
N TYR A 324 7.02 -15.68 4.93
CA TYR A 324 7.01 -14.29 5.37
C TYR A 324 8.12 -14.04 6.39
N PRO A 325 8.79 -12.89 6.30
CA PRO A 325 9.77 -12.53 7.32
C PRO A 325 9.07 -12.11 8.61
N PRO A 326 9.81 -12.03 9.72
CA PRO A 326 9.18 -11.62 10.98
C PRO A 326 8.85 -10.14 10.99
N MET A 327 7.71 -9.81 11.60
CA MET A 327 7.27 -8.43 11.73
C MET A 327 6.24 -8.36 12.85
N THR A 328 6.43 -7.42 13.77
CA THR A 328 5.45 -7.25 14.84
C THR A 328 4.13 -6.75 14.27
N PHE A 329 3.05 -6.96 15.04
CA PHE A 329 1.77 -6.41 14.64
C PHE A 329 1.72 -4.89 14.78
N ASP A 330 2.56 -4.33 15.65
CA ASP A 330 2.68 -2.88 15.73
C ASP A 330 3.20 -2.31 14.43
N GLN A 331 4.18 -2.97 13.81
CA GLN A 331 4.68 -2.52 12.51
C GLN A 331 3.66 -2.78 11.42
N TYR A 332 3.01 -3.95 11.46
CA TYR A 332 2.13 -4.36 10.38
C TYR A 332 0.91 -3.47 10.27
N ARG A 333 0.26 -3.18 11.41
CA ARG A 333 -1.01 -2.46 11.38
C ARG A 333 -0.86 -1.04 10.82
N LEU A 334 0.35 -0.52 10.70
CA LEU A 334 0.52 0.82 10.14
C LEU A 334 0.23 0.86 8.64
N PHE A 335 0.30 -0.28 7.94
CA PHE A 335 0.00 -0.30 6.52
C PHE A 335 -1.43 0.15 6.24
N ILE A 336 -2.41 -0.47 6.89
CA ILE A 336 -3.80 -0.06 6.69
C ILE A 336 -4.08 1.27 7.40
N ARG A 337 -3.30 1.59 8.44
CA ARG A 337 -3.51 2.87 9.11
C ARG A 337 -3.05 4.04 8.23
N THR A 338 -2.04 3.81 7.39
CA THR A 338 -1.54 4.85 6.49
C THR A 338 -2.23 4.85 5.14
N GLN A 339 -2.57 3.68 4.61
CA GLN A 339 -3.15 3.57 3.27
C GLN A 339 -4.64 3.28 3.22
N GLY A 340 -5.22 2.83 4.34
CA GLY A 340 -6.59 2.36 4.32
C GLY A 340 -6.72 1.06 3.55
N PRO A 341 -7.96 0.64 3.29
CA PRO A 341 -8.18 -0.64 2.60
C PRO A 341 -7.47 -0.76 1.26
N GLN A 342 -6.63 -1.78 1.12
CA GLN A 342 -5.93 -2.06 -0.13
C GLN A 342 -6.06 -3.53 -0.50
N GLY A 343 -7.20 -4.15 -0.19
CA GLY A 343 -7.38 -5.55 -0.50
C GLY A 343 -6.43 -6.41 0.31
N LYS A 344 -5.90 -7.45 -0.33
CA LYS A 344 -4.90 -8.32 0.27
C LYS A 344 -3.48 -7.99 -0.19
N SER A 345 -3.27 -6.78 -0.72
CA SER A 345 -1.94 -6.40 -1.17
C SER A 345 -0.99 -6.17 0.00
N HIS A 346 -1.51 -5.89 1.20
CA HIS A 346 -0.65 -5.68 2.36
C HIS A 346 0.07 -6.97 2.75
N VAL A 347 -0.67 -8.09 2.84
CA VAL A 347 -0.03 -9.35 3.23
C VAL A 347 0.72 -9.97 2.06
N GLU A 348 0.27 -9.76 0.83
CA GLU A 348 0.97 -10.36 -0.31
C GLU A 348 2.27 -9.63 -0.64
N SER A 349 2.34 -8.32 -0.37
CA SER A 349 3.64 -7.65 -0.44
C SER A 349 4.54 -8.00 0.73
N HIS A 350 4.04 -8.78 1.69
CA HIS A 350 4.83 -9.23 2.82
C HIS A 350 5.49 -10.58 2.56
N ILE A 351 5.06 -11.31 1.53
CA ILE A 351 5.71 -12.57 1.16
C ILE A 351 7.18 -12.28 0.83
N SER A 352 8.08 -12.95 1.54
CA SER A 352 9.51 -12.70 1.35
C SER A 352 9.91 -13.06 -0.09
N PRO A 353 10.90 -12.34 -0.65
CA PRO A 353 11.28 -12.48 -2.06
C PRO A 353 11.75 -13.88 -2.44
N ASP B 1 3.44 -14.08 -10.42
CA ASP B 1 4.19 -14.54 -11.58
C ASP B 1 3.39 -14.22 -12.84
N GLU B 2 2.11 -13.89 -12.69
CA GLU B 2 1.29 -13.50 -13.82
C GLU B 2 0.39 -12.33 -13.45
N TRP B 3 -0.03 -11.62 -14.45
CA TRP B 3 -0.83 -10.44 -14.23
C TRP B 3 -2.29 -10.84 -13.96
N PRO B 4 -3.03 -10.02 -13.21
CA PRO B 4 -4.44 -10.35 -12.94
C PRO B 4 -5.32 -10.29 -14.16
N GLU B 5 -4.82 -9.76 -15.28
CA GLU B 5 -5.61 -9.53 -16.48
C GLU B 5 -4.63 -9.24 -17.62
N PRO B 6 -5.08 -9.33 -18.87
CA PRO B 6 -4.15 -9.07 -19.98
C PRO B 6 -3.71 -7.61 -20.02
N ILE B 7 -2.53 -7.39 -20.57
CA ILE B 7 -1.89 -6.08 -20.56
C ILE B 7 -2.26 -5.35 -21.84
N VAL B 8 -2.81 -4.14 -21.70
CA VAL B 8 -3.03 -3.25 -22.83
C VAL B 8 -1.85 -2.29 -22.91
N ARG B 9 -1.20 -2.24 -24.07
CA ARG B 9 -0.14 -1.28 -24.29
C ARG B 9 -0.74 0.09 -24.53
N VAL B 10 -0.32 1.08 -23.73
CA VAL B 10 -0.85 2.43 -23.88
C VAL B 10 -0.58 2.95 -25.29
N GLN B 11 0.54 2.54 -25.90
CA GLN B 11 0.82 2.91 -27.27
C GLN B 11 -0.28 2.45 -28.23
N SER B 12 -0.83 1.25 -27.99
CA SER B 12 -1.91 0.75 -28.83
C SER B 12 -3.17 1.58 -28.68
N LEU B 13 -3.42 2.12 -27.49
CA LEU B 13 -4.57 3.00 -27.30
C LEU B 13 -4.37 4.31 -28.05
N ALA B 14 -3.16 4.87 -28.02
CA ALA B 14 -2.90 6.14 -28.69
C ALA B 14 -2.99 6.00 -30.21
N GLU B 15 -2.55 4.86 -30.74
CA GLU B 15 -2.56 4.65 -32.19
C GLU B 15 -3.95 4.40 -32.75
N SER B 16 -4.97 4.27 -31.91
CA SER B 16 -6.32 4.08 -32.40
C SER B 16 -6.99 5.44 -32.58
N ASN B 17 -8.31 5.46 -32.69
CA ASN B 17 -9.08 6.68 -32.83
C ASN B 17 -9.86 6.98 -31.54
N LEU B 18 -9.22 6.82 -30.38
CA LEU B 18 -9.94 6.91 -29.12
C LEU B 18 -10.54 8.30 -28.93
N SER B 19 -11.88 8.37 -28.97
CA SER B 19 -12.55 9.63 -28.72
C SER B 19 -12.48 9.99 -27.24
N SER B 20 -12.54 9.00 -26.36
CA SER B 20 -12.56 9.22 -24.93
C SER B 20 -11.53 8.32 -24.26
N LEU B 21 -11.24 8.63 -23.01
CA LEU B 21 -10.33 7.82 -22.22
C LEU B 21 -11.05 6.58 -21.70
N PRO B 22 -10.49 5.39 -21.85
CA PRO B 22 -11.01 4.24 -21.10
C PRO B 22 -11.00 4.53 -19.61
N ASP B 23 -12.00 3.99 -18.90
CA ASP B 23 -12.18 4.34 -17.49
C ASP B 23 -11.03 3.85 -16.62
N ARG B 24 -10.30 2.81 -17.04
CA ARG B 24 -9.13 2.36 -16.31
C ARG B 24 -8.09 3.45 -16.15
N TYR B 25 -8.08 4.45 -17.03
CA TYR B 25 -7.04 5.47 -17.05
C TYR B 25 -7.53 6.81 -16.53
N ILE B 26 -8.78 6.90 -16.08
CA ILE B 26 -9.33 8.14 -15.53
C ILE B 26 -9.04 8.18 -14.04
N LYS B 27 -8.24 9.14 -13.62
CA LYS B 27 -7.93 9.30 -12.21
C LYS B 27 -9.09 9.97 -11.49
N PRO B 28 -9.22 9.78 -10.18
CA PRO B 28 -10.27 10.48 -9.43
C PRO B 28 -10.12 11.99 -9.56
N ALA B 29 -11.27 12.69 -9.52
CA ALA B 29 -11.26 14.14 -9.66
C ALA B 29 -10.38 14.81 -8.62
N SER B 30 -10.23 14.19 -7.46
CA SER B 30 -9.35 14.74 -6.44
C SER B 30 -7.88 14.62 -6.80
N LEU B 31 -7.53 13.76 -7.76
CA LEU B 31 -6.14 13.49 -8.11
C LEU B 31 -5.80 13.85 -9.55
N ARG B 32 -6.75 14.39 -10.31
CA ARG B 32 -6.47 14.80 -11.68
C ARG B 32 -5.50 15.99 -11.70
N PRO B 33 -4.66 16.07 -12.73
CA PRO B 33 -3.69 17.17 -12.87
C PRO B 33 -4.37 18.53 -12.99
N ALA B 42 5.92 25.65 -16.65
CA ALA B 42 7.04 24.87 -16.14
C ALA B 42 8.07 25.76 -15.43
N THR B 43 8.31 25.50 -14.16
CA THR B 43 9.17 26.35 -13.36
C THR B 43 10.62 25.86 -13.41
N ASN B 44 11.53 26.79 -13.13
CA ASN B 44 12.97 26.52 -13.20
C ASN B 44 13.48 25.99 -11.87
N ILE B 45 14.33 24.97 -11.95
CA ILE B 45 15.01 24.39 -10.79
C ILE B 45 16.44 24.91 -10.80
N PRO B 46 16.92 25.52 -9.70
CA PRO B 46 18.30 25.99 -9.68
C PRO B 46 19.28 24.84 -9.92
N ILE B 47 20.30 25.11 -10.74
CA ILE B 47 21.23 24.06 -11.17
C ILE B 47 22.52 24.17 -10.37
N ILE B 48 23.11 23.00 -10.11
CA ILE B 48 24.37 22.89 -9.40
C ILE B 48 25.45 22.57 -10.43
N ASP B 49 26.52 23.38 -10.45
CA ASP B 49 27.67 23.13 -11.31
C ASP B 49 28.61 22.17 -10.58
N LEU B 50 28.76 20.97 -11.12
CA LEU B 50 29.40 19.87 -10.40
C LEU B 50 30.91 19.81 -10.58
N GLU B 51 31.46 20.37 -11.65
CA GLU B 51 32.88 20.12 -11.84
C GLU B 51 33.78 20.86 -10.83
N GLY B 52 33.22 21.46 -9.77
CA GLY B 52 34.06 21.81 -8.63
C GLY B 52 34.68 20.59 -7.98
N LEU B 53 34.03 19.44 -8.10
CA LEU B 53 34.62 18.17 -7.69
C LEU B 53 35.32 17.51 -8.87
N ASP B 61 35.36 26.74 -6.55
CA ASP B 61 36.07 25.94 -5.57
C ASP B 61 35.36 24.62 -5.25
N ASP B 62 34.61 24.69 -4.16
CA ASP B 62 34.02 23.57 -3.44
C ASP B 62 33.31 24.16 -2.24
N VAL B 63 32.67 23.33 -1.42
CA VAL B 63 32.02 23.74 -0.17
C VAL B 63 31.11 24.96 -0.39
N ILE B 64 30.65 25.14 -1.62
CA ILE B 64 29.41 25.87 -1.89
C ILE B 64 28.25 24.89 -2.06
N MET B 65 28.47 23.62 -1.70
CA MET B 65 27.49 22.56 -1.71
C MET B 65 26.60 22.54 -0.48
N ALA B 66 26.46 23.68 0.21
CA ALA B 66 25.36 23.83 1.15
C ALA B 66 24.02 23.97 0.43
N ARG B 67 24.04 24.18 -0.88
CA ARG B 67 22.82 24.16 -1.67
C ARG B 67 22.34 22.73 -1.89
N ILE B 68 23.29 21.82 -2.15
CA ILE B 68 22.95 20.40 -2.26
C ILE B 68 22.31 19.91 -0.96
N SER B 69 22.99 20.14 0.16
CA SER B 69 22.46 19.71 1.45
C SER B 69 21.10 20.34 1.73
N GLU B 70 20.87 21.57 1.26
CA GLU B 70 19.58 22.20 1.45
C GLU B 70 18.51 21.60 0.53
N ALA B 71 18.88 21.21 -0.69
CA ALA B 71 17.91 20.61 -1.59
C ALA B 71 17.46 19.23 -1.10
N CYS B 72 18.42 18.39 -0.69
CA CYS B 72 18.09 17.05 -0.22
C CYS B 72 17.30 17.06 1.09
N ARG B 73 17.38 18.13 1.87
CA ARG B 73 16.70 18.19 3.15
C ARG B 73 15.27 18.68 3.03
N GLY B 74 15.02 19.63 2.14
CA GLY B 74 13.69 20.22 2.04
C GLY B 74 12.93 19.85 0.78
N TRP B 75 13.64 19.47 -0.27
CA TRP B 75 13.02 19.15 -1.55
C TRP B 75 13.25 17.71 -1.97
N GLY B 76 14.42 17.14 -1.68
CA GLY B 76 14.70 15.79 -2.06
C GLY B 76 15.10 15.61 -3.50
N PHE B 77 15.49 16.69 -4.18
CA PHE B 77 15.96 16.59 -5.55
C PHE B 77 16.75 17.85 -5.86
N PHE B 78 17.75 17.70 -6.73
CA PHE B 78 18.49 18.83 -7.24
C PHE B 78 18.91 18.52 -8.67
N GLN B 79 19.24 19.58 -9.41
CA GLN B 79 19.59 19.50 -10.81
C GLN B 79 21.06 19.84 -10.99
N VAL B 80 21.79 19.02 -11.74
CA VAL B 80 23.24 19.14 -11.86
C VAL B 80 23.61 19.32 -13.32
N VAL B 81 24.61 20.16 -13.57
CA VAL B 81 25.21 20.34 -14.90
C VAL B 81 26.71 20.09 -14.77
N ASN B 82 27.36 19.95 -15.93
CA ASN B 82 28.80 19.71 -16.00
C ASN B 82 29.20 18.55 -15.10
N HIS B 83 28.56 17.41 -15.35
CA HIS B 83 28.61 16.26 -14.44
C HIS B 83 29.53 15.15 -14.92
N GLY B 84 30.10 15.25 -16.12
CA GLY B 84 31.02 14.26 -16.62
C GLY B 84 30.43 13.33 -17.67
N VAL B 85 29.11 13.35 -17.85
CA VAL B 85 28.46 12.59 -18.91
C VAL B 85 28.38 13.46 -20.15
N LYS B 86 28.71 12.88 -21.30
CA LYS B 86 28.73 13.66 -22.54
C LYS B 86 27.32 13.95 -23.01
N PRO B 87 27.01 15.20 -23.39
CA PRO B 87 25.67 15.50 -23.91
C PRO B 87 25.27 14.64 -25.09
N GLU B 88 26.23 14.18 -25.91
CA GLU B 88 25.88 13.31 -27.02
C GLU B 88 25.41 11.94 -26.53
N LEU B 89 26.04 11.41 -25.48
CA LEU B 89 25.57 10.16 -24.90
C LEU B 89 24.17 10.33 -24.32
N MET B 90 23.87 11.49 -23.73
CA MET B 90 22.55 11.70 -23.14
C MET B 90 21.47 11.75 -24.21
N ASP B 91 21.72 12.46 -25.30
CA ASP B 91 20.72 12.57 -26.36
C ASP B 91 20.61 11.26 -27.15
N ALA B 92 21.73 10.56 -27.31
CA ALA B 92 21.68 9.26 -28.00
C ALA B 92 20.84 8.27 -27.22
N ALA B 93 21.04 8.22 -25.89
CA ALA B 93 20.24 7.34 -25.06
C ALA B 93 18.76 7.63 -25.20
N ARG B 94 18.39 8.91 -25.28
CA ARG B 94 16.99 9.27 -25.48
C ARG B 94 16.48 8.82 -26.85
N GLU B 95 17.17 9.22 -27.92
CA GLU B 95 16.67 8.96 -29.26
C GLU B 95 16.71 7.47 -29.61
N ASN B 96 17.70 6.74 -29.08
CA ASN B 96 17.70 5.28 -29.25
C ASN B 96 16.43 4.66 -28.65
N TRP B 97 16.12 5.02 -27.41
CA TRP B 97 14.94 4.47 -26.76
C TRP B 97 13.66 4.96 -27.43
N ARG B 98 13.62 6.23 -27.82
CA ARG B 98 12.45 6.77 -28.53
C ARG B 98 12.14 5.94 -29.77
N GLU B 99 13.19 5.54 -30.50
CA GLU B 99 12.98 4.75 -31.71
C GLU B 99 12.49 3.35 -31.37
N PHE B 100 13.01 2.76 -30.30
CA PHE B 100 12.47 1.49 -29.82
C PHE B 100 10.98 1.60 -29.53
N PHE B 101 10.55 2.71 -28.92
CA PHE B 101 9.14 2.90 -28.60
C PHE B 101 8.33 3.31 -29.82
N HIS B 102 8.97 3.86 -30.86
CA HIS B 102 8.28 4.18 -32.10
C HIS B 102 8.09 2.95 -33.00
N MET B 103 8.76 1.84 -32.68
CA MET B 103 8.49 0.57 -33.34
C MET B 103 7.02 0.19 -33.22
N PRO B 104 6.54 -0.67 -34.12
CA PRO B 104 5.21 -1.25 -33.92
C PRO B 104 5.14 -1.98 -32.59
N VAL B 105 3.96 -1.95 -31.98
CA VAL B 105 3.79 -2.52 -30.64
C VAL B 105 4.16 -4.01 -30.62
N ASN B 106 3.71 -4.75 -31.65
CA ASN B 106 3.97 -6.19 -31.68
C ASN B 106 5.46 -6.51 -31.81
N ALA B 107 6.29 -5.54 -32.17
CA ALA B 107 7.73 -5.76 -32.27
C ALA B 107 8.40 -5.85 -30.90
N LYS B 108 7.75 -5.32 -29.86
CA LYS B 108 8.29 -5.40 -28.50
C LYS B 108 7.60 -6.46 -27.66
N GLU B 109 6.52 -7.07 -28.16
CA GLU B 109 5.69 -7.94 -27.33
C GLU B 109 6.48 -9.10 -26.75
N THR B 110 7.44 -9.63 -27.50
CA THR B 110 8.20 -10.77 -27.02
C THR B 110 9.01 -10.44 -25.77
N TYR B 111 9.32 -9.16 -25.55
CA TYR B 111 10.00 -8.72 -24.35
C TYR B 111 9.06 -8.43 -23.19
N SER B 112 7.79 -8.79 -23.30
CA SER B 112 6.79 -8.49 -22.27
C SER B 112 7.27 -8.94 -20.90
N ASN B 113 7.16 -8.04 -19.93
CA ASN B 113 7.61 -8.37 -18.58
C ASN B 113 6.53 -9.12 -17.83
N SER B 114 6.90 -9.60 -16.65
CA SER B 114 6.01 -10.31 -15.75
C SER B 114 6.29 -9.82 -14.33
N PRO B 115 5.27 -9.83 -13.45
CA PRO B 115 5.45 -9.25 -12.12
C PRO B 115 6.45 -9.98 -11.24
N ARG B 116 7.01 -11.10 -11.68
CA ARG B 116 7.98 -11.82 -10.86
C ARG B 116 9.31 -11.07 -10.80
N THR B 117 9.81 -10.59 -11.95
CA THR B 117 11.03 -9.81 -11.98
C THR B 117 10.88 -8.45 -12.65
N TYR B 118 9.79 -8.21 -13.38
CA TYR B 118 9.45 -6.96 -14.06
C TYR B 118 10.41 -6.61 -15.19
N GLU B 119 11.39 -7.47 -15.50
CA GLU B 119 12.34 -7.17 -16.56
C GLU B 119 11.65 -7.17 -17.91
N GLY B 120 11.93 -6.13 -18.70
CA GLY B 120 11.44 -6.09 -20.07
C GLY B 120 10.41 -5.02 -20.35
N TYR B 121 9.54 -5.31 -21.31
CA TYR B 121 8.55 -4.36 -21.82
C TYR B 121 7.30 -4.42 -20.94
N GLY B 122 6.93 -3.28 -20.36
CA GLY B 122 5.84 -3.24 -19.40
C GLY B 122 4.86 -2.11 -19.68
N SER B 123 3.68 -2.23 -19.07
CA SER B 123 2.63 -1.22 -19.17
C SER B 123 1.94 -0.93 -17.85
N ARG B 124 2.22 -1.67 -16.78
CA ARG B 124 1.63 -1.41 -15.48
C ARG B 124 2.63 -1.76 -14.40
N LEU B 125 2.34 -1.29 -13.19
CA LEU B 125 3.16 -1.55 -12.02
C LEU B 125 2.21 -1.92 -10.89
N GLY B 126 2.31 -3.16 -10.41
CA GLY B 126 1.38 -3.71 -9.44
C GLY B 126 0.47 -4.76 -10.07
N VAL B 127 -0.23 -5.48 -9.19
CA VAL B 127 -1.00 -6.64 -9.63
C VAL B 127 -2.44 -6.63 -9.13
N GLU B 128 -2.93 -5.48 -8.68
CA GLU B 128 -4.33 -5.40 -8.27
C GLU B 128 -5.24 -5.38 -9.50
N LYS B 129 -6.28 -6.21 -9.48
CA LYS B 129 -6.97 -6.58 -10.72
C LYS B 129 -7.84 -5.46 -11.27
N GLY B 130 -8.34 -4.56 -10.42
CA GLY B 130 -9.16 -3.48 -10.90
C GLY B 130 -8.49 -2.12 -10.91
N ALA B 131 -7.19 -2.04 -10.66
CA ALA B 131 -6.56 -0.78 -10.32
C ALA B 131 -6.59 0.20 -11.47
N SER B 132 -6.67 1.48 -11.14
CA SER B 132 -6.49 2.52 -12.14
C SER B 132 -5.09 2.40 -12.74
N LEU B 133 -5.00 2.65 -14.04
CA LEU B 133 -3.76 2.49 -14.78
C LEU B 133 -3.22 3.84 -15.20
N ASP B 134 -1.92 3.86 -15.49
CA ASP B 134 -1.22 5.07 -15.90
C ASP B 134 -1.04 5.10 -17.42
N TRP B 135 -1.01 6.31 -17.97
CA TRP B 135 -0.92 6.48 -19.42
C TRP B 135 0.55 6.45 -19.84
N SER B 136 1.13 5.26 -19.74
CA SER B 136 2.52 5.10 -20.14
C SER B 136 2.86 3.63 -20.30
N ASP B 137 3.83 3.38 -21.18
CA ASP B 137 4.55 2.12 -21.26
C ASP B 137 5.97 2.35 -20.79
N TYR B 138 6.68 1.26 -20.49
CA TYR B 138 8.03 1.39 -19.97
C TYR B 138 8.82 0.14 -20.31
N TYR B 139 10.14 0.25 -20.16
CA TYR B 139 11.05 -0.88 -20.26
C TYR B 139 11.95 -0.88 -19.03
N PHE B 140 12.26 -2.08 -18.53
CA PHE B 140 13.02 -2.21 -17.30
C PHE B 140 14.09 -3.27 -17.47
N LEU B 141 15.31 -2.96 -17.02
CA LEU B 141 16.45 -3.86 -17.15
C LEU B 141 17.41 -3.60 -16.00
N HIS B 142 18.27 -4.58 -15.75
CA HIS B 142 19.27 -4.51 -14.69
C HIS B 142 20.65 -4.27 -15.28
N LEU B 143 21.45 -3.44 -14.59
CA LEU B 143 22.83 -3.19 -14.97
C LEU B 143 23.82 -3.80 -14.00
N LEU B 144 23.59 -3.63 -12.70
CA LEU B 144 24.40 -4.23 -11.66
C LEU B 144 23.46 -4.79 -10.59
N PRO B 145 23.85 -5.90 -9.92
CA PRO B 145 25.10 -6.66 -10.06
C PRO B 145 25.18 -7.44 -11.37
N HIS B 146 26.36 -7.99 -11.66
CA HIS B 146 26.62 -8.50 -13.00
C HIS B 146 25.84 -9.79 -13.29
N HIS B 147 25.59 -10.62 -12.27
CA HIS B 147 24.82 -11.83 -12.52
C HIS B 147 23.39 -11.53 -12.95
N LEU B 148 22.88 -10.34 -12.60
CA LEU B 148 21.56 -9.94 -13.06
C LEU B 148 21.59 -9.37 -14.48
N LYS B 149 22.76 -8.95 -14.95
CA LYS B 149 22.88 -8.31 -16.26
C LYS B 149 22.91 -9.36 -17.37
N ASP B 150 22.13 -9.10 -18.43
CA ASP B 150 21.99 -10.06 -19.52
C ASP B 150 21.45 -9.30 -20.72
N PHE B 151 22.28 -9.17 -21.75
CA PHE B 151 21.94 -8.30 -22.88
C PHE B 151 20.76 -8.82 -23.71
N ASN B 152 20.47 -10.12 -23.66
CA ASN B 152 19.35 -10.63 -24.43
C ASN B 152 18.00 -10.33 -23.78
N LYS B 153 18.00 -9.81 -22.55
CA LYS B 153 16.82 -9.19 -21.97
C LYS B 153 16.73 -7.71 -22.31
N TRP B 154 17.63 -7.18 -23.13
CA TRP B 154 17.59 -5.80 -23.57
C TRP B 154 16.87 -5.69 -24.91
N PRO B 155 16.55 -4.47 -25.36
CA PRO B 155 15.77 -4.32 -26.59
C PRO B 155 16.45 -4.79 -27.86
N SER B 156 15.69 -4.69 -28.95
CA SER B 156 16.01 -5.36 -30.21
C SER B 156 16.45 -4.40 -31.29
N PHE B 157 15.57 -3.49 -31.69
CA PHE B 157 15.59 -2.94 -33.04
C PHE B 157 16.69 -1.93 -33.33
N PRO B 158 16.82 -0.83 -32.57
CA PRO B 158 17.95 0.07 -32.83
C PRO B 158 19.25 -0.65 -32.56
N PRO B 159 19.98 -1.06 -33.60
CA PRO B 159 21.18 -1.88 -33.36
C PRO B 159 22.18 -1.18 -32.47
N THR B 160 22.02 0.13 -32.30
CA THR B 160 22.87 0.92 -31.42
C THR B 160 22.48 0.75 -29.96
N ILE B 161 21.22 0.39 -29.68
CA ILE B 161 20.62 0.67 -28.38
C ILE B 161 21.41 0.00 -27.25
N ARG B 162 21.93 -1.20 -27.50
CA ARG B 162 22.58 -1.93 -26.41
C ARG B 162 23.93 -1.33 -26.07
N GLU B 163 24.69 -0.91 -27.08
CA GLU B 163 25.96 -0.21 -26.81
C GLU B 163 25.70 1.07 -26.04
N VAL B 164 24.67 1.82 -26.42
CA VAL B 164 24.37 3.08 -25.75
C VAL B 164 23.93 2.85 -24.32
N ILE B 165 23.05 1.85 -24.10
CA ILE B 165 22.61 1.54 -22.74
C ILE B 165 23.79 1.18 -21.86
N ASP B 166 24.68 0.32 -22.37
CA ASP B 166 25.81 -0.13 -21.55
C ASP B 166 26.74 1.02 -21.18
N GLU B 167 27.02 1.91 -22.15
CA GLU B 167 27.89 3.04 -21.86
C GLU B 167 27.19 4.05 -20.95
N TYR B 168 25.93 4.37 -21.27
CA TYR B 168 25.12 5.23 -20.40
C TYR B 168 25.12 4.69 -18.98
N GLY B 169 24.92 3.38 -18.83
CA GLY B 169 24.94 2.78 -17.50
C GLY B 169 26.26 2.95 -16.79
N GLU B 170 27.37 2.75 -17.52
CA GLU B 170 28.69 2.91 -16.90
C GLU B 170 28.90 4.33 -16.42
N GLU B 171 28.50 5.32 -17.23
CA GLU B 171 28.75 6.71 -16.89
C GLU B 171 27.93 7.14 -15.67
N LEU B 172 26.68 6.69 -15.58
CA LEU B 172 25.82 7.10 -14.48
C LEU B 172 26.17 6.37 -13.18
N VAL B 173 26.71 5.16 -13.28
CA VAL B 173 27.23 4.49 -12.08
C VAL B 173 28.39 5.29 -11.50
N LYS B 174 29.29 5.79 -12.35
CA LYS B 174 30.39 6.61 -11.89
C LYS B 174 29.88 7.91 -11.28
N LEU B 175 28.94 8.57 -11.97
CA LEU B 175 28.34 9.78 -11.45
C LEU B 175 27.69 9.53 -10.09
N SER B 176 27.01 8.39 -9.93
CA SER B 176 26.33 8.09 -8.68
C SER B 176 27.32 8.03 -7.52
N GLY B 177 28.40 7.27 -7.68
CA GLY B 177 29.40 7.19 -6.63
C GLY B 177 29.94 8.55 -6.20
N ARG B 178 30.11 9.46 -7.17
CA ARG B 178 30.55 10.80 -6.83
C ARG B 178 29.48 11.56 -6.04
N ILE B 179 28.21 11.43 -6.45
CA ILE B 179 27.14 12.10 -5.70
C ILE B 179 27.01 11.49 -4.31
N MET B 180 27.31 10.20 -4.16
CA MET B 180 27.20 9.56 -2.85
C MET B 180 28.19 10.15 -1.85
N ARG B 181 29.38 10.55 -2.32
CA ARG B 181 30.36 11.16 -1.43
C ARG B 181 29.90 12.53 -0.93
N VAL B 182 29.26 13.31 -1.81
CA VAL B 182 28.75 14.61 -1.38
C VAL B 182 27.64 14.42 -0.34
N LEU B 183 26.78 13.42 -0.56
CA LEU B 183 25.67 13.19 0.36
C LEU B 183 26.15 12.72 1.72
N SER B 184 27.17 11.84 1.75
CA SER B 184 27.73 11.41 3.03
C SER B 184 28.39 12.57 3.75
N THR B 185 29.26 13.30 3.05
CA THR B 185 29.95 14.44 3.65
C THR B 185 28.97 15.46 4.20
N ASN B 186 27.90 15.75 3.46
CA ASN B 186 26.94 16.75 3.89
C ASN B 186 26.19 16.34 5.15
N LEU B 187 26.26 15.06 5.53
CA LEU B 187 25.71 14.60 6.81
C LEU B 187 26.78 14.52 7.89
N GLY B 188 27.97 15.06 7.64
CA GLY B 188 29.04 15.00 8.61
C GLY B 188 29.74 13.68 8.70
N LEU B 189 29.54 12.80 7.73
CA LEU B 189 30.17 11.50 7.69
C LEU B 189 31.42 11.53 6.82
N LYS B 190 32.22 10.48 6.92
CA LYS B 190 33.28 10.26 5.94
C LYS B 190 32.68 10.17 4.55
N GLU B 191 33.46 10.58 3.56
CA GLU B 191 32.99 10.58 2.17
C GLU B 191 32.45 9.21 1.76
N ASP B 192 32.96 8.14 2.36
CA ASP B 192 32.70 6.77 1.92
C ASP B 192 31.56 6.09 2.65
N LYS B 193 30.86 6.79 3.55
CA LYS B 193 29.92 6.11 4.43
C LYS B 193 28.73 5.55 3.68
N PHE B 194 28.06 6.38 2.87
CA PHE B 194 26.91 5.90 2.10
C PHE B 194 27.32 4.77 1.16
N GLN B 195 28.47 4.92 0.49
CA GLN B 195 28.94 3.87 -0.41
C GLN B 195 29.15 2.55 0.33
N GLU B 196 29.66 2.63 1.56
CA GLU B 196 29.92 1.42 2.34
C GLU B 196 28.62 0.80 2.83
N ALA B 197 27.67 1.62 3.28
CA ALA B 197 26.37 1.11 3.70
C ALA B 197 25.58 0.51 2.55
N PHE B 198 25.81 1.00 1.33
CA PHE B 198 25.14 0.42 0.17
C PHE B 198 25.72 -0.93 -0.23
N GLY B 199 26.81 -1.36 0.38
CA GLY B 199 27.48 -2.57 -0.02
C GLY B 199 28.78 -2.37 -0.77
N GLY B 200 29.43 -1.23 -0.63
CA GLY B 200 30.71 -1.02 -1.28
C GLY B 200 30.54 -0.91 -2.77
N GLU B 201 31.29 -1.73 -3.51
CA GLU B 201 31.24 -1.73 -4.97
C GLU B 201 30.16 -2.64 -5.52
N ASN B 202 29.66 -3.58 -4.71
CA ASN B 202 28.62 -4.50 -5.15
C ASN B 202 27.23 -3.91 -4.95
N ILE B 203 27.03 -2.71 -5.49
CA ILE B 203 25.75 -2.03 -5.41
C ILE B 203 24.84 -2.59 -6.50
N GLY B 204 23.56 -2.19 -6.45
CA GLY B 204 22.63 -2.51 -7.51
C GLY B 204 22.36 -1.27 -8.36
N ALA B 205 22.17 -1.49 -9.65
CA ALA B 205 21.88 -0.41 -10.58
C ALA B 205 20.99 -0.94 -11.69
N CYS B 206 19.84 -0.32 -11.89
CA CYS B 206 18.92 -0.72 -12.93
C CYS B 206 18.37 0.51 -13.63
N LEU B 207 17.67 0.27 -14.74
CA LEU B 207 17.24 1.30 -15.66
C LEU B 207 15.77 1.09 -15.99
N ARG B 208 14.98 2.15 -15.89
CA ARG B 208 13.60 2.13 -16.34
C ARG B 208 13.39 3.31 -17.27
N VAL B 209 13.09 3.03 -18.52
CA VAL B 209 12.83 4.06 -19.54
C VAL B 209 11.32 4.13 -19.74
N ASN B 210 10.76 5.33 -19.59
CA ASN B 210 9.33 5.53 -19.65
C ASN B 210 8.93 6.22 -20.95
N TYR B 211 7.80 5.79 -21.51
CA TYR B 211 7.27 6.32 -22.77
C TYR B 211 5.86 6.82 -22.51
N TYR B 212 5.63 8.11 -22.76
CA TYR B 212 4.33 8.72 -22.51
C TYR B 212 3.69 9.10 -23.83
N PRO B 213 2.84 8.27 -24.41
CA PRO B 213 2.24 8.59 -25.72
C PRO B 213 1.28 9.75 -25.63
N LYS B 214 0.73 10.17 -26.77
CA LYS B 214 -0.30 11.19 -26.77
C LYS B 214 -1.57 10.64 -26.12
N CYS B 215 -2.24 11.48 -25.34
CA CYS B 215 -3.41 11.10 -24.57
C CYS B 215 -4.60 11.97 -24.97
N PRO B 216 -5.76 11.40 -25.29
CA PRO B 216 -6.86 12.24 -25.78
C PRO B 216 -7.48 13.12 -24.71
N ARG B 217 -7.47 12.72 -23.44
CA ARG B 217 -8.04 13.51 -22.35
C ARG B 217 -7.03 13.65 -21.23
N PRO B 218 -5.92 14.35 -21.47
CA PRO B 218 -4.81 14.35 -20.51
C PRO B 218 -5.12 15.05 -19.20
N GLU B 219 -6.21 15.82 -19.12
CA GLU B 219 -6.62 16.38 -17.84
C GLU B 219 -7.33 15.34 -16.97
N LEU B 220 -7.64 14.17 -17.51
CA LEU B 220 -8.20 13.07 -16.73
C LEU B 220 -7.17 12.00 -16.39
N ALA B 221 -6.01 12.02 -17.02
CA ALA B 221 -5.04 10.95 -16.94
C ALA B 221 -3.77 11.41 -16.22
N LEU B 222 -2.93 10.43 -15.93
CA LEU B 222 -1.57 10.64 -15.44
C LEU B 222 -0.66 9.68 -16.18
N GLY B 223 0.45 10.20 -16.69
CA GLY B 223 1.46 9.32 -17.27
C GLY B 223 2.07 8.42 -16.23
N LEU B 224 2.17 8.89 -14.98
CA LEU B 224 2.70 8.12 -13.88
C LEU B 224 2.16 8.71 -12.58
N SER B 225 1.55 7.86 -11.74
CA SER B 225 0.89 8.32 -10.53
C SER B 225 1.92 8.73 -9.47
N PRO B 226 1.50 9.49 -8.46
CA PRO B 226 2.45 9.93 -7.42
C PRO B 226 3.17 8.76 -6.75
N HIS B 227 4.42 9.01 -6.39
CA HIS B 227 5.29 8.07 -5.72
C HIS B 227 6.64 8.73 -5.48
N SER B 228 7.39 8.18 -4.53
CA SER B 228 8.83 8.39 -4.47
C SER B 228 9.51 7.11 -4.92
N ASP B 229 10.79 7.21 -5.18
CA ASP B 229 11.45 6.02 -5.70
C ASP B 229 11.91 5.12 -4.55
N PRO B 230 11.59 3.83 -4.59
CA PRO B 230 11.91 2.95 -3.45
C PRO B 230 13.39 2.80 -3.18
N GLY B 231 14.24 2.99 -4.18
CA GLY B 231 15.66 2.68 -4.07
C GLY B 231 16.46 3.73 -3.32
N GLY B 232 17.75 3.80 -3.66
CA GLY B 232 18.66 4.72 -3.00
C GLY B 232 18.57 6.13 -3.55
N MET B 233 18.98 6.31 -4.81
CA MET B 233 18.81 7.58 -5.49
C MET B 233 18.52 7.32 -6.95
N THR B 234 17.78 8.23 -7.56
CA THR B 234 17.47 8.16 -8.98
C THR B 234 18.17 9.30 -9.70
N ILE B 235 18.86 8.97 -10.79
CA ILE B 235 19.35 9.96 -11.72
C ILE B 235 18.41 9.95 -12.91
N LEU B 236 17.67 11.05 -13.09
CA LEU B 236 16.60 11.13 -14.06
C LEU B 236 17.01 12.01 -15.24
N LEU B 237 16.87 11.48 -16.45
CA LEU B 237 17.06 12.25 -17.68
C LEU B 237 15.68 12.48 -18.28
N PRO B 238 15.02 13.60 -17.98
CA PRO B 238 13.69 13.84 -18.53
C PRO B 238 13.75 14.28 -19.98
N ASP B 239 12.59 14.15 -20.64
CA ASP B 239 12.46 14.55 -22.04
C ASP B 239 12.90 16.01 -22.21
N ASP B 240 13.85 16.21 -23.13
CA ASP B 240 14.47 17.51 -23.32
C ASP B 240 13.61 18.48 -24.10
N GLN B 241 12.38 18.11 -24.45
CA GLN B 241 11.55 18.99 -25.27
C GLN B 241 10.19 19.26 -24.66
N VAL B 242 9.59 18.29 -23.98
CA VAL B 242 8.21 18.38 -23.53
C VAL B 242 8.15 18.27 -22.02
N PHE B 243 7.41 19.17 -21.39
CA PHE B 243 7.25 19.15 -19.95
C PHE B 243 6.28 18.05 -19.54
N GLY B 244 6.50 17.51 -18.34
CA GLY B 244 5.66 16.44 -17.85
C GLY B 244 5.96 16.04 -16.41
N LEU B 245 7.24 16.04 -16.05
CA LEU B 245 7.63 15.70 -14.69
C LEU B 245 7.14 16.76 -13.71
N GLN B 246 6.54 16.31 -12.60
CA GLN B 246 6.06 17.20 -11.56
C GLN B 246 6.51 16.67 -10.22
N VAL B 247 7.09 17.54 -9.40
CA VAL B 247 7.46 17.20 -8.03
C VAL B 247 6.48 17.88 -7.10
N ARG B 248 6.29 17.29 -5.92
CA ARG B 248 5.34 17.82 -4.95
C ARG B 248 6.06 18.57 -3.84
N LYS B 249 5.48 19.70 -3.44
CA LYS B 249 5.99 20.52 -2.34
C LYS B 249 4.79 21.02 -1.54
N ASP B 250 4.60 20.46 -0.35
CA ASP B 250 3.55 20.88 0.59
C ASP B 250 2.21 21.05 -0.12
N ASP B 251 1.78 19.97 -0.76
CA ASP B 251 0.49 19.87 -1.45
C ASP B 251 0.40 20.75 -2.70
N THR B 252 1.53 21.13 -3.29
CA THR B 252 1.52 21.83 -4.57
C THR B 252 2.35 21.02 -5.56
N TRP B 253 1.80 20.81 -6.74
CA TRP B 253 2.47 20.07 -7.82
C TRP B 253 3.11 21.08 -8.77
N ILE B 254 4.43 21.03 -8.88
CA ILE B 254 5.21 21.96 -9.69
C ILE B 254 5.74 21.20 -10.90
N THR B 255 5.42 21.70 -12.09
CA THR B 255 5.98 21.14 -13.31
C THR B 255 7.42 21.61 -13.47
N VAL B 256 8.32 20.67 -13.77
CA VAL B 256 9.76 20.92 -13.78
C VAL B 256 10.18 21.22 -15.22
N LYS B 257 10.73 22.41 -15.44
CA LYS B 257 11.29 22.74 -16.74
C LYS B 257 12.70 22.17 -16.85
N PRO B 258 12.97 21.24 -17.76
CA PRO B 258 14.28 20.60 -17.79
C PRO B 258 15.33 21.55 -18.35
N HIS B 259 16.52 21.50 -17.75
CA HIS B 259 17.69 22.23 -18.24
C HIS B 259 18.49 21.35 -19.20
N PRO B 260 18.92 21.90 -20.33
CA PRO B 260 19.53 21.05 -21.37
C PRO B 260 20.76 20.31 -20.86
N HIS B 261 20.76 18.98 -21.08
CA HIS B 261 21.88 18.12 -20.72
C HIS B 261 22.20 18.17 -19.23
N ALA B 262 21.19 18.47 -18.42
CA ALA B 262 21.26 18.35 -16.98
C ALA B 262 20.59 17.04 -16.54
N PHE B 263 20.86 16.65 -15.30
CA PHE B 263 20.19 15.53 -14.67
C PHE B 263 19.40 16.03 -13.47
N ILE B 264 18.26 15.40 -13.24
CA ILE B 264 17.58 15.52 -11.95
C ILE B 264 18.04 14.35 -11.09
N VAL B 265 18.58 14.67 -9.92
CA VAL B 265 19.01 13.66 -8.96
C VAL B 265 17.93 13.57 -7.88
N ASN B 266 17.28 12.42 -7.81
CA ASN B 266 16.20 12.19 -6.85
C ASN B 266 16.73 11.42 -5.65
N ILE B 267 16.39 11.89 -4.45
CA ILE B 267 16.58 11.09 -3.25
C ILE B 267 15.54 9.97 -3.25
N GLY B 268 16.00 8.73 -3.09
CA GLY B 268 15.11 7.60 -2.99
C GLY B 268 14.76 7.28 -1.55
N ASP B 269 13.88 6.29 -1.39
CA ASP B 269 13.39 5.96 -0.05
C ASP B 269 14.50 5.39 0.83
N GLN B 270 15.43 4.64 0.25
CA GLN B 270 16.49 4.02 1.05
C GLN B 270 17.43 5.04 1.65
N ILE B 271 17.64 6.18 0.99
CA ILE B 271 18.52 7.20 1.55
C ILE B 271 17.81 7.99 2.63
N GLN B 272 16.51 8.25 2.47
CA GLN B 272 15.73 8.84 3.55
C GLN B 272 15.82 7.98 4.81
N ILE B 273 15.64 6.67 4.66
CA ILE B 273 15.79 5.76 5.79
C ILE B 273 17.21 5.81 6.33
N LEU B 274 18.20 5.75 5.43
CA LEU B 274 19.61 5.77 5.82
C LEU B 274 19.94 7.01 6.64
N SER B 275 19.42 8.16 6.22
CA SER B 275 19.70 9.42 6.89
C SER B 275 18.79 9.69 8.06
N ASN B 276 18.02 8.69 8.52
CA ASN B 276 17.07 8.86 9.61
C ASN B 276 16.11 10.03 9.33
N SER B 277 15.72 10.16 8.06
CA SER B 277 14.80 11.19 7.56
C SER B 277 15.41 12.58 7.54
N THR B 278 16.73 12.70 7.61
CA THR B 278 17.35 14.00 7.38
C THR B 278 17.19 14.42 5.93
N TYR B 279 17.51 13.54 4.99
CA TYR B 279 17.17 13.72 3.59
C TYR B 279 15.78 13.13 3.34
N LYS B 280 15.01 13.80 2.49
CA LYS B 280 13.66 13.34 2.15
C LYS B 280 13.64 12.84 0.73
N SER B 281 12.99 11.70 0.50
CA SER B 281 12.75 11.26 -0.87
C SER B 281 11.67 12.12 -1.51
N VAL B 282 11.90 12.52 -2.76
CA VAL B 282 10.98 13.42 -3.44
C VAL B 282 9.80 12.65 -3.99
N GLU B 283 8.60 13.15 -3.75
CA GLU B 283 7.41 12.65 -4.41
C GLU B 283 7.27 13.30 -5.78
N HIS B 284 7.04 12.50 -6.82
CA HIS B 284 6.90 13.05 -8.15
C HIS B 284 5.83 12.29 -8.91
N ARG B 285 5.48 12.82 -10.08
CA ARG B 285 4.45 12.28 -10.93
C ARG B 285 4.64 12.88 -12.32
N VAL B 286 3.92 12.32 -13.30
CA VAL B 286 4.06 12.74 -14.69
C VAL B 286 2.68 13.04 -15.25
N ILE B 287 2.54 14.18 -15.90
CA ILE B 287 1.32 14.50 -16.63
C ILE B 287 1.59 14.33 -18.11
N VAL B 288 0.54 14.01 -18.86
CA VAL B 288 0.64 13.78 -20.29
C VAL B 288 -0.13 14.89 -21.01
N ASN B 289 -0.02 14.90 -22.34
CA ASN B 289 -0.79 15.86 -23.13
C ASN B 289 -1.20 15.25 -24.46
N SER B 290 -2.17 15.90 -25.10
CA SER B 290 -2.80 15.40 -26.32
C SER B 290 -1.98 15.65 -27.57
N ASP B 291 -0.97 16.51 -27.52
CA ASP B 291 -0.26 16.93 -28.71
C ASP B 291 1.11 16.28 -28.86
N LYS B 292 1.80 15.98 -27.76
CA LYS B 292 3.17 15.52 -27.83
C LYS B 292 3.33 14.25 -27.01
N GLU B 293 4.47 13.60 -27.20
CA GLU B 293 4.88 12.44 -26.42
C GLU B 293 6.11 12.81 -25.60
N ARG B 294 6.44 11.95 -24.65
CA ARG B 294 7.63 12.15 -23.84
C ARG B 294 8.36 10.82 -23.69
N VAL B 295 9.68 10.92 -23.55
CA VAL B 295 10.54 9.79 -23.25
C VAL B 295 11.48 10.20 -22.13
N SER B 296 11.49 9.41 -21.06
CA SER B 296 12.33 9.69 -19.90
C SER B 296 13.09 8.44 -19.49
N LEU B 297 14.31 8.65 -19.01
CA LEU B 297 15.21 7.57 -18.62
C LEU B 297 15.51 7.70 -17.12
N ALA B 298 15.10 6.70 -16.35
CA ALA B 298 15.30 6.70 -14.90
C ALA B 298 16.38 5.70 -14.56
N PHE B 299 17.51 6.19 -14.07
CA PHE B 299 18.59 5.35 -13.58
C PHE B 299 18.48 5.24 -12.06
N PHE B 300 18.39 4.00 -11.57
CA PHE B 300 18.24 3.75 -10.15
C PHE B 300 19.55 3.21 -9.58
N TYR B 301 20.03 3.85 -8.52
CA TYR B 301 21.26 3.47 -7.81
C TYR B 301 20.85 2.92 -6.45
N ASN B 302 21.05 1.62 -6.24
CA ASN B 302 20.41 0.98 -5.11
C ASN B 302 21.43 0.26 -4.22
N PRO B 303 21.13 0.14 -2.92
CA PRO B 303 21.97 -0.68 -2.05
C PRO B 303 21.87 -2.15 -2.41
N LYS B 304 22.92 -2.89 -2.08
CA LYS B 304 22.94 -4.35 -2.21
C LYS B 304 21.67 -4.93 -1.63
N SER B 305 20.92 -5.67 -2.45
CA SER B 305 19.52 -5.94 -2.18
C SER B 305 19.29 -6.82 -0.95
N ASP B 306 20.32 -7.49 -0.45
CA ASP B 306 20.16 -8.32 0.75
C ASP B 306 20.75 -7.69 1.99
N ILE B 307 21.08 -6.41 1.96
CA ILE B 307 21.53 -5.69 3.14
C ILE B 307 20.31 -5.17 3.89
N PRO B 308 20.15 -5.47 5.18
CA PRO B 308 19.10 -4.81 5.95
C PRO B 308 19.38 -3.31 6.07
N ILE B 309 18.55 -2.49 5.44
CA ILE B 309 18.73 -1.05 5.46
C ILE B 309 18.04 -0.47 6.68
N GLN B 310 18.74 0.41 7.39
CA GLN B 310 18.18 1.09 8.55
C GLN B 310 18.97 2.38 8.76
N PRO B 311 18.47 3.30 9.59
CA PRO B 311 19.23 4.53 9.85
C PRO B 311 20.64 4.22 10.34
N LEU B 312 21.60 5.02 9.88
CA LEU B 312 23.00 4.80 10.19
C LEU B 312 23.26 4.99 11.68
N GLN B 313 24.09 4.10 12.24
CA GLN B 313 24.41 4.20 13.66
C GLN B 313 25.02 5.56 13.99
N GLU B 314 25.83 6.09 13.08
CA GLU B 314 26.51 7.36 13.30
C GLU B 314 25.53 8.52 13.43
N LEU B 315 24.30 8.38 12.95
CA LEU B 315 23.32 9.46 12.95
C LEU B 315 22.25 9.31 14.02
N VAL B 316 22.32 8.28 14.87
CA VAL B 316 21.33 8.04 15.90
C VAL B 316 22.04 7.86 17.24
N SER B 317 21.31 8.15 18.31
CA SER B 317 21.85 8.09 19.66
C SER B 317 20.72 7.72 20.62
N THR B 318 21.00 7.83 21.93
CA THR B 318 20.00 7.52 22.94
C THR B 318 18.81 8.48 22.85
N HIS B 319 19.07 9.76 22.58
CA HIS B 319 18.04 10.77 22.53
C HIS B 319 17.55 11.06 21.12
N ASN B 320 18.13 10.42 20.11
CA ASN B 320 17.67 10.52 18.73
C ASN B 320 17.59 9.13 18.13
N PRO B 321 16.61 8.32 18.55
CA PRO B 321 16.53 6.93 18.10
C PRO B 321 16.26 6.84 16.61
N PRO B 322 16.55 5.70 15.99
CA PRO B 322 16.28 5.55 14.56
C PRO B 322 14.78 5.44 14.30
N LEU B 323 14.33 6.07 13.22
CA LEU B 323 12.92 6.17 12.90
C LEU B 323 12.40 5.00 12.07
N TYR B 324 13.25 4.02 11.74
CA TYR B 324 12.84 2.92 10.89
C TYR B 324 13.48 1.62 11.36
N PRO B 325 12.76 0.50 11.25
CA PRO B 325 13.37 -0.80 11.50
C PRO B 325 14.18 -1.23 10.29
N PRO B 326 15.05 -2.23 10.44
CA PRO B 326 15.79 -2.72 9.28
C PRO B 326 14.88 -3.46 8.31
N MET B 327 15.21 -3.33 7.02
CA MET B 327 14.52 -4.08 5.98
C MET B 327 15.40 -4.06 4.72
N THR B 328 15.68 -5.23 4.18
CA THR B 328 16.45 -5.30 2.94
C THR B 328 15.66 -4.70 1.79
N PHE B 329 16.40 -4.17 0.80
CA PHE B 329 15.74 -3.61 -0.37
C PHE B 329 14.96 -4.67 -1.13
N ASP B 330 15.40 -5.93 -1.07
CA ASP B 330 14.65 -7.01 -1.70
C ASP B 330 13.24 -7.10 -1.13
N GLN B 331 13.09 -6.95 0.19
CA GLN B 331 11.78 -6.98 0.82
C GLN B 331 11.03 -5.67 0.62
N TYR B 332 11.75 -4.55 0.68
CA TYR B 332 11.10 -3.24 0.53
C TYR B 332 10.52 -3.08 -0.87
N ARG B 333 11.25 -3.48 -1.90
CA ARG B 333 10.83 -3.19 -3.27
C ARG B 333 9.55 -3.92 -3.67
N LEU B 334 9.07 -4.86 -2.86
CA LEU B 334 7.84 -5.56 -3.18
C LEU B 334 6.59 -4.72 -2.92
N PHE B 335 6.70 -3.64 -2.13
CA PHE B 335 5.56 -2.75 -1.90
C PHE B 335 5.06 -2.18 -3.23
N ILE B 336 5.94 -1.51 -3.97
CA ILE B 336 5.53 -0.93 -5.26
C ILE B 336 5.40 -2.00 -6.34
N ARG B 337 6.04 -3.16 -6.19
CA ARG B 337 5.87 -4.23 -7.16
C ARG B 337 4.49 -4.88 -7.04
N THR B 338 3.93 -4.93 -5.83
CA THR B 338 2.62 -5.50 -5.63
C THR B 338 1.51 -4.46 -5.76
N GLN B 339 1.74 -3.24 -5.26
CA GLN B 339 0.72 -2.21 -5.22
C GLN B 339 0.83 -1.19 -6.34
N GLY B 340 2.00 -1.00 -6.92
CA GLY B 340 2.24 0.13 -7.80
C GLY B 340 2.40 1.41 -7.00
N PRO B 341 2.49 2.53 -7.70
CA PRO B 341 2.75 3.81 -7.02
C PRO B 341 1.67 4.13 -5.99
N GLN B 342 2.12 4.48 -4.78
CA GLN B 342 1.23 4.85 -3.69
C GLN B 342 1.75 6.08 -2.97
N GLY B 343 2.29 7.03 -3.73
CA GLY B 343 2.80 8.24 -3.12
C GLY B 343 4.00 7.92 -2.26
N LYS B 344 4.04 8.52 -1.06
CA LYS B 344 5.06 8.22 -0.08
C LYS B 344 4.54 7.32 1.04
N SER B 345 3.37 6.70 0.85
CA SER B 345 2.78 5.88 1.91
C SER B 345 3.59 4.63 2.21
N HIS B 346 4.44 4.17 1.29
CA HIS B 346 5.25 3.00 1.57
C HIS B 346 6.33 3.29 2.61
N VAL B 347 6.88 4.51 2.59
CA VAL B 347 7.94 4.83 3.54
C VAL B 347 7.39 5.45 4.83
N GLU B 348 6.27 6.17 4.77
CA GLU B 348 5.67 6.68 5.99
C GLU B 348 5.07 5.56 6.83
N SER B 349 4.50 4.54 6.19
CA SER B 349 4.02 3.37 6.91
C SER B 349 5.13 2.43 7.33
N HIS B 350 6.36 2.67 6.90
CA HIS B 350 7.52 1.95 7.37
C HIS B 350 8.14 2.60 8.60
N ILE B 351 7.65 3.78 9.00
CA ILE B 351 8.12 4.41 10.23
C ILE B 351 7.80 3.51 11.42
N SER B 352 8.76 3.37 12.32
CA SER B 352 8.54 2.56 13.51
C SER B 352 7.47 3.17 14.39
N PRO B 353 6.62 2.35 15.04
CA PRO B 353 5.51 2.82 15.88
C PRO B 353 5.96 3.74 17.02
#